data_7AAC
#
_entry.id   7AAC
#
_cell.length_a   48.215
_cell.length_b   91.629
_cell.length_c   162.029
_cell.angle_alpha   90.000
_cell.angle_beta   90.000
_cell.angle_gamma   90.000
#
_symmetry.space_group_name_H-M   'P 21 21 21'
#
loop_
_entity.id
_entity.type
_entity.pdbx_description
1 polymer 'Poly [ADP-ribose] polymerase 1'
2 non-polymer (2R)-2-(7-carbamoyl-1H-benzimidazol-2-yl)-2-methylpyrrolidinium
3 non-polymer 'SULFATE ION'
4 water water
#
_entity_poly.entity_id   1
_entity_poly.type   'polypeptide(L)'
_entity_poly.pdbx_seq_one_letter_code
;GSKSKLPKPVQDLIKMIFDVESMKKAMVEYEIDLQKMPLGKLSKRQIQAAYSILSEVQQAVSQGSSDSQILDLSNRFYTL
IPHDFGMKKPPLLNNADSVQAKAEMLDNLLDIEVAYSLLRGGSDDSSKDPIDVNYEKLKTDIKVVDRDSEEAEIIRKYVK
NTHATTHNAYDLEVIDIFKIEREGECQRYKPFKQLHNRRLLWHGSRTTNFAGILSQGLRIAPPEAPVTGYMFGKGIYFAD
MVSKSANYCHTSQGDPIGLILLGEVALGNMYELKHASHISKLPKGKHSVKGLGKTTPDPSANISLDGVDVPLGTGISSGV
NDTSLLYNEYIVYDIAQVNLKYLLKLKFNFKT
;
_entity_poly.pdbx_strand_id   A,B
#
loop_
_chem_comp.id
_chem_comp.type
_chem_comp.name
_chem_comp.formula
78P non-polymer (2R)-2-(7-carbamoyl-1H-benzimidazol-2-yl)-2-methylpyrrolidinium 'C13 H16 N4 O'
SO4 non-polymer 'SULFATE ION' 'O4 S -2'
#
# COMPACT_ATOMS: atom_id res chain seq x y z
N LYS A 3 7.30 53.28 -2.82
CA LYS A 3 6.59 52.34 -3.68
C LYS A 3 7.56 51.36 -4.38
N SER A 4 7.14 50.09 -4.45
CA SER A 4 7.93 49.03 -5.05
C SER A 4 8.23 49.25 -6.54
N LYS A 5 9.46 48.91 -6.95
CA LYS A 5 9.93 48.98 -8.34
C LYS A 5 9.87 47.58 -9.00
N LEU A 6 9.42 46.56 -8.23
CA LEU A 6 9.26 45.21 -8.76
C LEU A 6 8.24 45.20 -9.91
N PRO A 7 8.44 44.36 -10.94
CA PRO A 7 7.41 44.27 -12.00
C PRO A 7 6.04 43.94 -11.40
N LYS A 8 4.98 44.56 -11.95
CA LYS A 8 3.60 44.36 -11.51
C LYS A 8 3.21 42.87 -11.37
N PRO A 9 3.56 41.94 -12.32
CA PRO A 9 3.24 40.51 -12.10
C PRO A 9 3.87 39.92 -10.83
N VAL A 10 5.10 40.37 -10.48
CA VAL A 10 5.80 39.90 -9.27
C VAL A 10 5.09 40.42 -8.03
N GLN A 11 4.68 41.71 -8.05
CA GLN A 11 3.95 42.33 -6.95
C GLN A 11 2.63 41.58 -6.69
N ASP A 12 1.89 41.28 -7.77
CA ASP A 12 0.64 40.51 -7.71
C ASP A 12 0.86 39.10 -7.16
N LEU A 13 1.98 38.45 -7.55
CA LEU A 13 2.34 37.13 -7.04
C LEU A 13 2.56 37.20 -5.50
N ILE A 14 3.37 38.20 -5.03
CA ILE A 14 3.66 38.42 -3.60
C ILE A 14 2.35 38.67 -2.81
N LYS A 15 1.45 39.49 -3.35
CA LYS A 15 0.15 39.79 -2.72
C LYS A 15 -0.68 38.51 -2.55
N MET A 16 -0.72 37.66 -3.58
CA MET A 16 -1.50 36.40 -3.57
C MET A 16 -1.01 35.44 -2.51
N ILE A 17 0.32 35.23 -2.41
CA ILE A 17 0.90 34.20 -1.54
C ILE A 17 0.96 34.61 -0.08
N PHE A 18 0.97 35.92 0.22
CA PHE A 18 0.98 36.35 1.62
C PHE A 18 -0.41 36.82 2.11
N ASP A 19 -1.49 36.55 1.32
CA ASP A 19 -2.86 36.96 1.67
C ASP A 19 -3.36 36.17 2.91
N VAL A 20 -3.50 36.86 4.06
CA VAL A 20 -3.93 36.25 5.35
C VAL A 20 -5.36 35.67 5.24
N GLU A 21 -6.26 36.39 4.53
CA GLU A 21 -7.64 35.96 4.34
C GLU A 21 -7.73 34.66 3.54
N SER A 22 -6.82 34.46 2.56
CA SER A 22 -6.76 33.22 1.79
C SER A 22 -6.33 32.05 2.68
N MET A 23 -5.43 32.32 3.65
CA MET A 23 -4.96 31.30 4.60
C MET A 23 -6.13 30.84 5.48
N LYS A 24 -6.91 31.80 6.01
CA LYS A 24 -8.11 31.54 6.82
C LYS A 24 -9.13 30.72 6.01
N LYS A 25 -9.38 31.10 4.73
CA LYS A 25 -10.27 30.39 3.82
C LYS A 25 -9.84 28.94 3.62
N ALA A 26 -8.52 28.69 3.42
CA ALA A 26 -8.01 27.34 3.25
C ALA A 26 -8.33 26.51 4.51
N MET A 27 -8.11 27.10 5.70
CA MET A 27 -8.40 26.45 6.98
C MET A 27 -9.88 26.10 7.15
N VAL A 28 -10.79 27.03 6.78
CA VAL A 28 -12.24 26.82 6.81
C VAL A 28 -12.61 25.65 5.88
N GLU A 29 -12.04 25.62 4.64
CA GLU A 29 -12.24 24.58 3.63
C GLU A 29 -11.94 23.18 4.18
N TYR A 30 -11.00 23.10 5.14
CA TYR A 30 -10.61 21.87 5.81
C TYR A 30 -11.44 21.51 7.04
N GLU A 31 -12.47 22.28 7.31
CA GLU A 31 -13.38 22.06 8.43
C GLU A 31 -12.71 22.39 9.76
N ILE A 32 -11.64 23.22 9.75
CA ILE A 32 -10.97 23.65 10.97
C ILE A 32 -11.82 24.73 11.63
N ASP A 33 -11.91 24.68 12.97
CA ASP A 33 -12.65 25.66 13.75
C ASP A 33 -11.72 26.84 14.04
N LEU A 34 -11.84 27.92 13.24
CA LEU A 34 -11.02 29.14 13.38
C LEU A 34 -11.22 29.88 14.72
N GLN A 35 -12.38 29.68 15.40
CA GLN A 35 -12.66 30.28 16.71
C GLN A 35 -11.79 29.62 17.78
N LYS A 36 -11.63 28.27 17.71
CA LYS A 36 -10.81 27.49 18.64
C LYS A 36 -9.33 27.43 18.25
N MET A 37 -9.03 27.38 16.94
CA MET A 37 -7.65 27.34 16.45
C MET A 37 -7.40 28.40 15.38
N PRO A 38 -7.21 29.68 15.79
CA PRO A 38 -6.94 30.73 14.79
C PRO A 38 -5.56 30.56 14.17
N LEU A 39 -5.34 31.21 13.02
CA LEU A 39 -4.09 31.20 12.25
C LEU A 39 -2.87 31.46 13.15
N GLY A 40 -3.01 32.41 14.07
CA GLY A 40 -1.94 32.80 14.99
C GLY A 40 -1.58 31.75 16.02
N LYS A 41 -2.48 30.78 16.29
CA LYS A 41 -2.28 29.73 17.30
C LYS A 41 -1.70 28.42 16.74
N LEU A 42 -1.63 28.28 15.40
CA LEU A 42 -1.05 27.10 14.73
C LEU A 42 0.45 27.04 15.03
N SER A 43 0.99 25.86 15.36
CA SER A 43 2.44 25.72 15.57
C SER A 43 2.90 24.37 14.99
N LYS A 44 4.18 24.28 14.61
CA LYS A 44 4.81 23.06 14.09
C LYS A 44 4.58 21.90 15.07
N ARG A 45 4.81 22.15 16.39
CA ARG A 45 4.66 21.27 17.55
C ARG A 45 3.26 20.61 17.56
N GLN A 46 2.19 21.46 17.47
CA GLN A 46 0.80 21.01 17.42
C GLN A 46 0.50 20.17 16.19
N ILE A 47 0.93 20.63 14.98
CA ILE A 47 0.75 19.89 13.73
C ILE A 47 1.48 18.54 13.82
N GLN A 48 2.72 18.53 14.34
CA GLN A 48 3.50 17.31 14.49
C GLN A 48 2.80 16.30 15.41
N ALA A 49 2.20 16.79 16.51
CA ALA A 49 1.46 15.93 17.45
C ALA A 49 0.19 15.34 16.75
N ALA A 50 -0.47 16.14 15.90
CA ALA A 50 -1.65 15.70 15.13
C ALA A 50 -1.23 14.60 14.12
N TYR A 51 -0.05 14.76 13.43
CA TYR A 51 0.48 13.74 12.52
C TYR A 51 0.70 12.44 13.32
N SER A 52 1.37 12.55 14.48
CA SER A 52 1.64 11.40 15.35
C SER A 52 0.35 10.62 15.70
N ILE A 53 -0.72 11.36 16.05
CA ILE A 53 -2.02 10.77 16.38
C ILE A 53 -2.62 10.10 15.14
N LEU A 54 -2.46 10.73 13.96
CA LEU A 54 -2.92 10.16 12.70
C LEU A 54 -2.22 8.81 12.46
N SER A 55 -0.92 8.74 12.79
CA SER A 55 -0.17 7.49 12.66
C SER A 55 -0.75 6.43 13.61
N GLU A 56 -1.22 6.85 14.82
CA GLU A 56 -1.85 5.94 15.77
C GLU A 56 -3.16 5.40 15.20
N VAL A 57 -3.93 6.29 14.51
CA VAL A 57 -5.19 5.93 13.85
C VAL A 57 -4.91 4.90 12.73
N GLN A 58 -3.89 5.15 11.84
CA GLN A 58 -3.58 4.21 10.75
C GLN A 58 -3.14 2.83 11.27
N GLN A 59 -2.40 2.81 12.41
CA GLN A 59 -1.98 1.56 13.03
C GLN A 59 -3.22 0.76 13.44
N ALA A 60 -4.22 1.43 14.06
CA ALA A 60 -5.47 0.80 14.49
C ALA A 60 -6.33 0.32 13.32
N VAL A 61 -6.43 1.13 12.24
CA VAL A 61 -7.26 0.76 11.08
C VAL A 61 -6.64 -0.47 10.36
N SER A 62 -5.29 -0.48 10.15
CA SER A 62 -4.59 -1.60 9.51
C SER A 62 -4.59 -2.88 10.37
N GLN A 63 -4.70 -2.72 11.70
CA GLN A 63 -4.77 -3.85 12.65
C GLN A 63 -6.19 -4.40 12.79
N GLY A 64 -7.14 -3.77 12.11
CA GLY A 64 -8.55 -4.16 12.11
C GLY A 64 -9.29 -3.93 13.42
N SER A 65 -9.06 -2.78 14.07
CA SER A 65 -9.73 -2.39 15.32
C SER A 65 -11.19 -1.99 15.01
N SER A 66 -12.10 -2.19 15.98
CA SER A 66 -13.52 -1.84 15.83
C SER A 66 -13.74 -0.32 15.91
N ASP A 67 -14.96 0.16 15.56
CA ASP A 67 -15.31 1.58 15.66
C ASP A 67 -15.21 2.07 17.12
N SER A 68 -15.64 1.22 18.09
CA SER A 68 -15.55 1.51 19.53
C SER A 68 -14.09 1.65 19.99
N GLN A 69 -13.18 0.87 19.37
CA GLN A 69 -11.75 0.86 19.66
C GLN A 69 -11.05 2.11 19.10
N ILE A 70 -11.42 2.52 17.87
CA ILE A 70 -10.82 3.67 17.16
C ILE A 70 -11.34 5.01 17.71
N LEU A 71 -12.51 5.02 18.41
CA LEU A 71 -13.16 6.23 18.92
C LEU A 71 -12.24 7.18 19.69
N ASP A 72 -11.50 6.67 20.69
CA ASP A 72 -10.56 7.47 21.48
C ASP A 72 -9.45 8.06 20.61
N LEU A 73 -8.93 7.25 19.66
CA LEU A 73 -7.89 7.66 18.72
C LEU A 73 -8.40 8.78 17.82
N SER A 74 -9.63 8.62 17.33
CA SER A 74 -10.27 9.62 16.48
C SER A 74 -10.50 10.90 17.27
N ASN A 75 -11.04 10.78 18.49
CA ASN A 75 -11.27 11.90 19.41
C ASN A 75 -9.99 12.67 19.72
N ARG A 76 -8.87 11.94 19.93
CA ARG A 76 -7.54 12.51 20.15
C ARG A 76 -7.12 13.45 19.02
N PHE A 77 -7.36 13.05 17.76
CA PHE A 77 -6.98 13.87 16.61
C PHE A 77 -7.72 15.21 16.66
N TYR A 78 -9.05 15.16 16.88
CA TYR A 78 -9.90 16.35 16.96
C TYR A 78 -9.57 17.26 18.12
N THR A 79 -9.05 16.69 19.22
CA THR A 79 -8.61 17.46 20.38
C THR A 79 -7.43 18.33 19.95
N LEU A 80 -6.48 17.75 19.20
CA LEU A 80 -5.28 18.47 18.75
C LEU A 80 -5.55 19.49 17.66
N ILE A 81 -6.46 19.16 16.73
CA ILE A 81 -6.84 20.03 15.61
C ILE A 81 -8.33 20.22 15.68
N PRO A 82 -8.80 21.27 16.41
CA PRO A 82 -10.25 21.48 16.54
C PRO A 82 -10.95 21.67 15.20
N HIS A 83 -12.04 20.90 15.00
CA HIS A 83 -12.85 20.97 13.79
C HIS A 83 -14.19 21.67 14.05
N ASP A 84 -14.77 22.26 13.00
CA ASP A 84 -16.03 23.00 13.09
C ASP A 84 -17.26 22.08 13.18
N PHE A 85 -17.60 21.55 14.38
CA PHE A 85 -18.76 20.67 14.52
C PHE A 85 -19.73 21.07 15.66
N GLY A 86 -19.55 22.26 16.23
CA GLY A 86 -20.38 22.82 17.29
C GLY A 86 -20.47 21.91 18.50
N MET A 87 -21.70 21.53 18.87
CA MET A 87 -21.97 20.63 20.00
C MET A 87 -22.37 19.22 19.51
N LYS A 88 -22.02 18.87 18.26
CA LYS A 88 -22.30 17.55 17.69
C LYS A 88 -21.03 16.69 17.77
N LYS A 89 -21.18 15.38 17.59
CA LYS A 89 -20.08 14.44 17.51
C LYS A 89 -19.39 14.50 16.14
N PRO A 90 -18.05 14.61 16.10
CA PRO A 90 -17.33 14.64 14.82
C PRO A 90 -17.42 13.30 14.09
N PRO A 91 -17.20 13.23 12.75
CA PRO A 91 -17.18 11.91 12.09
C PRO A 91 -15.95 11.10 12.49
N LEU A 92 -16.16 9.79 12.69
CA LEU A 92 -15.07 8.90 13.08
C LEU A 92 -14.04 8.71 11.95
N LEU A 93 -12.75 8.82 12.29
CA LEU A 93 -11.59 8.62 11.40
C LEU A 93 -11.24 7.14 11.59
N ASN A 94 -11.88 6.27 10.81
CA ASN A 94 -11.74 4.81 10.96
C ASN A 94 -11.32 4.07 9.70
N ASN A 95 -10.78 4.79 8.69
CA ASN A 95 -10.34 4.17 7.44
C ASN A 95 -9.16 4.89 6.77
N ALA A 96 -8.52 4.23 5.77
CA ALA A 96 -7.40 4.76 5.01
C ALA A 96 -7.74 6.11 4.35
N ASP A 97 -8.95 6.23 3.77
CA ASP A 97 -9.41 7.47 3.12
C ASP A 97 -9.42 8.66 4.07
N SER A 98 -9.92 8.48 5.31
CA SER A 98 -9.96 9.56 6.30
C SER A 98 -8.56 9.92 6.79
N VAL A 99 -7.67 8.91 6.95
CA VAL A 99 -6.26 9.13 7.32
C VAL A 99 -5.54 9.97 6.23
N GLN A 100 -5.69 9.55 4.95
CA GLN A 100 -5.11 10.23 3.80
C GLN A 100 -5.61 11.69 3.73
N ALA A 101 -6.94 11.90 3.86
CA ALA A 101 -7.52 13.26 3.83
C ALA A 101 -6.92 14.14 4.95
N LYS A 102 -6.77 13.60 6.18
CA LYS A 102 -6.20 14.37 7.29
C LYS A 102 -4.71 14.60 7.12
N ALA A 103 -3.96 13.63 6.55
CA ALA A 103 -2.52 13.78 6.29
C ALA A 103 -2.29 14.94 5.30
N GLU A 104 -3.12 15.00 4.24
CA GLU A 104 -3.04 16.05 3.23
C GLU A 104 -3.33 17.42 3.85
N MET A 105 -4.33 17.47 4.74
CA MET A 105 -4.72 18.68 5.45
CA MET A 105 -4.74 18.67 5.45
C MET A 105 -3.56 19.20 6.31
N LEU A 106 -2.91 18.30 7.06
CA LEU A 106 -1.78 18.67 7.90
C LEU A 106 -0.60 19.18 7.07
N ASP A 107 -0.35 18.58 5.86
CA ASP A 107 0.70 19.04 4.94
C ASP A 107 0.43 20.55 4.62
N ASN A 108 -0.85 20.89 4.34
CA ASN A 108 -1.28 22.26 4.05
C ASN A 108 -1.10 23.18 5.27
N LEU A 109 -1.49 22.71 6.46
CA LEU A 109 -1.33 23.50 7.70
C LEU A 109 0.14 23.79 7.97
N LEU A 110 1.03 22.84 7.67
CA LEU A 110 2.48 23.02 7.85
C LEU A 110 3.00 24.21 7.00
N ASP A 111 2.54 24.32 5.71
CA ASP A 111 2.95 25.41 4.83
C ASP A 111 2.32 26.75 5.22
N ILE A 112 1.07 26.72 5.68
CA ILE A 112 0.34 27.92 6.14
C ILE A 112 1.06 28.51 7.39
N GLU A 113 1.47 27.63 8.32
CA GLU A 113 2.23 28.01 9.52
C GLU A 113 3.54 28.69 9.12
N VAL A 114 4.24 28.16 8.10
CA VAL A 114 5.48 28.78 7.60
C VAL A 114 5.19 30.21 7.06
N ALA A 115 4.16 30.35 6.20
CA ALA A 115 3.79 31.65 5.62
C ALA A 115 3.47 32.67 6.73
N TYR A 116 2.64 32.26 7.70
CA TYR A 116 2.24 33.13 8.79
C TYR A 116 3.45 33.52 9.67
N SER A 117 4.39 32.57 9.94
CA SER A 117 5.62 32.83 10.72
C SER A 117 6.49 33.90 10.05
N LEU A 118 6.60 33.88 8.69
CA LEU A 118 7.38 34.88 7.95
C LEU A 118 6.78 36.25 8.12
N LEU A 119 5.47 36.29 7.95
CA LEU A 119 4.74 37.54 8.03
C LEU A 119 4.90 38.19 9.44
N ARG A 120 4.97 37.35 10.49
CA ARG A 120 5.06 37.83 11.88
C ARG A 120 6.46 37.97 12.47
N GLY A 121 7.45 37.26 11.94
CA GLY A 121 8.77 37.20 12.53
C GLY A 121 9.82 38.17 12.03
N GLY A 122 9.42 39.22 11.37
CA GLY A 122 10.38 40.19 10.88
C GLY A 122 10.26 41.54 11.55
N SER A 123 10.59 42.57 10.80
CA SER A 123 10.60 43.95 11.25
C SER A 123 9.48 44.78 10.61
N ASP A 124 9.09 45.90 11.25
CA ASP A 124 8.08 46.82 10.77
C ASP A 124 8.70 48.18 10.45
N ASP A 125 8.60 48.58 9.18
CA ASP A 125 9.07 49.85 8.66
C ASP A 125 8.04 50.32 7.63
N SER A 126 7.18 51.28 8.03
CA SER A 126 6.13 51.85 7.16
C SER A 126 6.70 52.65 5.96
N SER A 127 8.00 53.03 6.02
CA SER A 127 8.64 53.76 4.92
C SER A 127 8.90 52.83 3.72
N LYS A 128 8.99 51.50 3.98
CA LYS A 128 9.19 50.47 2.96
C LYS A 128 7.86 49.93 2.49
N ASP A 129 7.77 49.59 1.19
CA ASP A 129 6.57 49.00 0.63
C ASP A 129 6.48 47.57 1.18
N PRO A 130 5.34 47.17 1.81
CA PRO A 130 5.24 45.79 2.35
C PRO A 130 5.44 44.70 1.30
N ILE A 131 5.13 45.00 0.00
CA ILE A 131 5.36 44.04 -1.10
C ILE A 131 6.87 43.71 -1.22
N ASP A 132 7.74 44.74 -1.17
CA ASP A 132 9.21 44.58 -1.19
C ASP A 132 9.69 43.83 0.04
N VAL A 133 9.12 44.18 1.22
CA VAL A 133 9.44 43.54 2.51
C VAL A 133 9.13 42.03 2.42
N ASN A 134 7.90 41.69 1.97
CA ASN A 134 7.47 40.29 1.83
C ASN A 134 8.24 39.53 0.77
N TYR A 135 8.63 40.21 -0.33
CA TYR A 135 9.45 39.61 -1.38
C TYR A 135 10.79 39.14 -0.78
N GLU A 136 11.44 39.99 0.03
CA GLU A 136 12.73 39.69 0.68
C GLU A 136 12.67 38.46 1.59
N LYS A 137 11.51 38.20 2.22
CA LYS A 137 11.30 37.06 3.13
C LYS A 137 11.38 35.71 2.42
N LEU A 138 11.11 35.67 1.10
CA LEU A 138 11.13 34.45 0.31
C LEU A 138 12.52 33.92 0.02
N LYS A 139 13.56 34.80 0.06
CA LYS A 139 14.97 34.50 -0.23
C LYS A 139 15.07 33.78 -1.59
N THR A 140 14.32 34.32 -2.56
CA THR A 140 14.16 33.77 -3.88
C THR A 140 14.20 34.91 -4.90
N ASP A 141 15.02 34.75 -5.94
CA ASP A 141 15.07 35.72 -7.04
C ASP A 141 13.93 35.33 -7.98
N ILE A 142 13.00 36.25 -8.21
CA ILE A 142 11.83 36.02 -9.06
C ILE A 142 11.88 37.00 -10.23
N LYS A 143 11.99 36.46 -11.46
CA LYS A 143 12.04 37.30 -12.64
C LYS A 143 10.89 36.94 -13.57
N VAL A 144 10.39 37.91 -14.32
CA VAL A 144 9.32 37.67 -15.28
C VAL A 144 9.99 37.19 -16.58
N VAL A 145 9.54 36.04 -17.08
CA VAL A 145 10.06 35.48 -18.32
C VAL A 145 9.39 36.21 -19.49
N ASP A 146 10.21 36.72 -20.44
CA ASP A 146 9.74 37.42 -21.64
C ASP A 146 8.85 36.48 -22.43
N ARG A 147 7.61 36.91 -22.74
CA ARG A 147 6.59 36.14 -23.47
C ARG A 147 7.04 35.71 -24.87
N ASP A 148 8.02 36.42 -25.47
CA ASP A 148 8.56 36.13 -26.79
C ASP A 148 9.84 35.26 -26.77
N SER A 149 10.35 34.91 -25.56
CA SER A 149 11.55 34.10 -25.41
C SER A 149 11.30 32.61 -25.71
N GLU A 150 12.39 31.88 -26.06
CA GLU A 150 12.35 30.45 -26.35
C GLU A 150 11.89 29.64 -25.13
N GLU A 151 12.34 30.01 -23.90
CA GLU A 151 11.92 29.33 -22.68
C GLU A 151 10.40 29.47 -22.47
N ALA A 152 9.81 30.66 -22.77
CA ALA A 152 8.36 30.88 -22.67
C ALA A 152 7.63 30.01 -23.70
N GLU A 153 8.17 29.92 -24.95
CA GLU A 153 7.60 29.08 -26.02
C GLU A 153 7.56 27.61 -25.60
N ILE A 154 8.66 27.08 -25.02
CA ILE A 154 8.73 25.70 -24.55
C ILE A 154 7.70 25.47 -23.42
N ILE A 155 7.65 26.38 -22.44
CA ILE A 155 6.72 26.30 -21.31
C ILE A 155 5.27 26.31 -21.80
N ARG A 156 4.92 27.24 -22.71
CA ARG A 156 3.57 27.31 -23.24
C ARG A 156 3.18 26.01 -23.96
N LYS A 157 4.11 25.42 -24.73
CA LYS A 157 3.88 24.17 -25.45
C LYS A 157 3.62 23.05 -24.45
N TYR A 158 4.42 23.01 -23.36
CA TYR A 158 4.28 22.01 -22.29
C TYR A 158 2.86 22.07 -21.70
N VAL A 159 2.35 23.30 -21.40
CA VAL A 159 0.99 23.52 -20.90
C VAL A 159 -0.05 23.10 -21.96
N LYS A 160 0.16 23.56 -23.22
CA LYS A 160 -0.79 23.31 -24.30
C LYS A 160 -0.97 21.83 -24.62
N ASN A 161 0.12 21.06 -24.55
CA ASN A 161 0.11 19.66 -24.97
C ASN A 161 -0.18 18.62 -23.92
N THR A 162 -0.06 18.95 -22.64
CA THR A 162 -0.20 17.91 -21.60
C THR A 162 -1.43 18.09 -20.68
N HIS A 163 -2.51 18.63 -21.26
CA HIS A 163 -3.75 18.75 -20.52
C HIS A 163 -4.57 17.49 -20.85
N ALA A 164 -4.76 16.59 -19.89
CA ALA A 164 -5.48 15.33 -20.08
C ALA A 164 -6.94 15.51 -20.45
N THR A 165 -7.44 14.66 -21.35
CA THR A 165 -8.84 14.61 -21.80
C THR A 165 -9.77 14.37 -20.59
N THR A 166 -9.37 13.52 -19.64
CA THR A 166 -10.16 13.27 -18.44
C THR A 166 -10.22 14.50 -17.50
N HIS A 167 -9.36 15.53 -17.73
CA HIS A 167 -9.37 16.75 -16.91
C HIS A 167 -9.96 17.93 -17.69
N ASN A 168 -10.87 17.64 -18.64
CA ASN A 168 -11.46 18.68 -19.50
C ASN A 168 -12.62 19.49 -18.89
N ALA A 169 -12.89 19.38 -17.56
CA ALA A 169 -13.94 20.25 -16.95
C ALA A 169 -13.44 21.71 -16.91
N TYR A 170 -12.13 21.95 -17.09
CA TYR A 170 -11.54 23.29 -17.16
C TYR A 170 -10.47 23.35 -18.23
N ASP A 171 -10.12 24.54 -18.68
CA ASP A 171 -8.94 24.69 -19.51
C ASP A 171 -8.05 25.71 -18.81
N LEU A 172 -6.80 25.76 -19.21
CA LEU A 172 -5.80 26.60 -18.57
C LEU A 172 -5.30 27.70 -19.49
N GLU A 173 -5.18 28.90 -18.93
CA GLU A 173 -4.62 30.07 -19.59
C GLU A 173 -3.40 30.49 -18.76
N VAL A 174 -2.21 30.52 -19.40
CA VAL A 174 -1.00 30.94 -18.67
C VAL A 174 -1.04 32.47 -18.56
N ILE A 175 -1.09 32.99 -17.32
CA ILE A 175 -1.12 34.44 -17.11
C ILE A 175 0.31 35.00 -17.11
N ASP A 176 1.15 34.48 -16.21
CA ASP A 176 2.55 34.89 -16.06
C ASP A 176 3.43 33.69 -15.91
N ILE A 177 4.67 33.81 -16.39
CA ILE A 177 5.72 32.80 -16.25
C ILE A 177 6.87 33.48 -15.50
N PHE A 178 7.24 32.93 -14.36
CA PHE A 178 8.35 33.46 -13.59
C PHE A 178 9.51 32.48 -13.55
N LYS A 179 10.73 33.01 -13.69
CA LYS A 179 11.94 32.19 -13.53
C LYS A 179 12.32 32.44 -12.06
N ILE A 180 12.49 31.35 -11.30
CA ILE A 180 12.80 31.43 -9.88
C ILE A 180 14.12 30.81 -9.53
N GLU A 181 14.76 31.38 -8.52
CA GLU A 181 16.01 30.86 -8.00
C GLU A 181 16.00 31.01 -6.49
N ARG A 182 15.75 29.89 -5.80
CA ARG A 182 15.76 29.85 -4.35
C ARG A 182 17.23 29.92 -3.89
N GLU A 183 17.53 30.81 -2.92
CA GLU A 183 18.88 30.98 -2.35
C GLU A 183 19.38 29.63 -1.81
N GLY A 184 20.60 29.24 -2.22
CA GLY A 184 21.25 28.00 -1.82
C GLY A 184 20.81 26.72 -2.51
N GLU A 185 19.70 26.77 -3.28
CA GLU A 185 19.20 25.54 -3.92
C GLU A 185 20.14 24.98 -4.99
N CYS A 186 20.77 25.86 -5.80
CA CYS A 186 21.75 25.47 -6.81
C CYS A 186 22.90 24.66 -6.13
N GLN A 187 23.41 25.17 -5.00
CA GLN A 187 24.47 24.56 -4.20
C GLN A 187 24.06 23.20 -3.66
N ARG A 188 22.83 23.11 -3.15
CA ARG A 188 22.25 21.87 -2.59
C ARG A 188 22.07 20.78 -3.70
N TYR A 189 21.68 21.20 -4.90
CA TYR A 189 21.45 20.33 -6.03
C TYR A 189 22.73 19.78 -6.70
N LYS A 190 23.92 20.41 -6.43
CA LYS A 190 25.23 20.07 -7.01
C LYS A 190 25.53 18.55 -7.11
N PRO A 191 25.31 17.70 -6.06
CA PRO A 191 25.58 16.25 -6.23
C PRO A 191 24.71 15.54 -7.29
N PHE A 192 23.57 16.14 -7.66
CA PHE A 192 22.62 15.58 -8.62
C PHE A 192 22.57 16.29 -9.99
N LYS A 193 23.34 17.38 -10.16
CA LYS A 193 23.31 18.24 -11.36
C LYS A 193 23.70 17.53 -12.68
N GLN A 194 24.47 16.44 -12.60
CA GLN A 194 24.87 15.69 -13.80
C GLN A 194 24.27 14.29 -13.82
N LEU A 195 23.33 14.00 -12.90
CA LEU A 195 22.66 12.69 -12.82
C LEU A 195 21.88 12.42 -14.09
N HIS A 196 21.83 11.15 -14.54
CA HIS A 196 21.07 10.83 -15.73
C HIS A 196 19.58 10.96 -15.40
N ASN A 197 18.75 11.10 -16.44
CA ASN A 197 17.31 11.19 -16.31
C ASN A 197 16.84 12.40 -15.46
N ARG A 198 17.37 13.58 -15.78
CA ARG A 198 16.91 14.82 -15.16
C ARG A 198 15.74 15.29 -16.03
N ARG A 199 14.60 15.56 -15.40
CA ARG A 199 13.38 15.92 -16.12
C ARG A 199 12.75 17.18 -15.57
N LEU A 200 12.10 17.96 -16.48
CA LEU A 200 11.39 19.16 -16.07
C LEU A 200 9.94 18.75 -15.82
N LEU A 201 9.53 18.77 -14.55
CA LEU A 201 8.22 18.26 -14.15
C LEU A 201 7.37 19.28 -13.40
N TRP A 202 6.07 19.04 -13.38
CA TRP A 202 5.07 19.88 -12.75
C TRP A 202 4.84 19.49 -11.31
N HIS A 203 4.57 20.49 -10.48
CA HIS A 203 4.15 20.32 -9.09
C HIS A 203 3.09 21.40 -8.81
N GLY A 204 1.86 20.94 -8.58
CA GLY A 204 0.74 21.81 -8.23
C GLY A 204 0.54 21.84 -6.72
N SER A 205 0.10 22.99 -6.21
CA SER A 205 -0.18 23.14 -4.79
C SER A 205 -1.13 24.31 -4.59
N ARG A 206 -1.82 24.34 -3.44
CA ARG A 206 -2.69 25.47 -3.09
C ARG A 206 -1.88 26.77 -3.02
N THR A 207 -2.47 27.90 -3.49
CA THR A 207 -1.80 29.19 -3.47
C THR A 207 -1.21 29.50 -2.08
N THR A 208 -1.94 29.14 -1.01
CA THR A 208 -1.58 29.32 0.40
C THR A 208 -0.30 28.57 0.85
N ASN A 209 0.23 27.64 0.02
CA ASN A 209 1.46 26.90 0.29
C ASN A 209 2.71 27.52 -0.33
N PHE A 210 2.53 28.47 -1.26
CA PHE A 210 3.67 28.99 -1.99
C PHE A 210 4.66 29.83 -1.21
N ALA A 211 4.26 30.58 -0.15
CA ALA A 211 5.26 31.30 0.65
C ALA A 211 6.21 30.27 1.32
N GLY A 212 5.65 29.16 1.76
CA GLY A 212 6.42 28.07 2.35
C GLY A 212 7.35 27.38 1.37
N ILE A 213 6.83 27.07 0.16
CA ILE A 213 7.57 26.39 -0.91
C ILE A 213 8.72 27.27 -1.39
N LEU A 214 8.49 28.58 -1.57
CA LEU A 214 9.57 29.44 -2.03
C LEU A 214 10.61 29.69 -0.93
N SER A 215 10.20 29.87 0.33
CA SER A 215 11.19 30.08 1.38
C SER A 215 11.94 28.80 1.78
N GLN A 216 11.23 27.66 1.89
CA GLN A 216 11.81 26.40 2.37
C GLN A 216 12.11 25.35 1.31
N GLY A 217 11.56 25.53 0.10
CA GLY A 217 11.67 24.57 -0.99
C GLY A 217 10.61 23.52 -0.83
N LEU A 218 10.49 22.63 -1.81
CA LEU A 218 9.57 21.51 -1.69
C LEU A 218 10.16 20.56 -0.61
N ARG A 219 9.30 20.15 0.31
CA ARG A 219 9.70 19.32 1.45
C ARG A 219 8.95 18.01 1.48
N ILE A 220 9.45 17.06 2.29
CA ILE A 220 8.83 15.77 2.52
C ILE A 220 8.04 15.91 3.82
N ALA A 221 6.93 15.17 3.94
CA ALA A 221 6.13 15.12 5.16
C ALA A 221 7.07 14.73 6.35
N PRO A 222 6.89 15.27 7.57
CA PRO A 222 7.84 14.96 8.66
C PRO A 222 7.86 13.50 9.13
N PRO A 223 8.85 13.05 9.96
CA PRO A 223 8.84 11.66 10.42
C PRO A 223 7.54 11.21 11.08
N GLU A 224 6.85 12.12 11.80
CA GLU A 224 5.59 11.85 12.51
C GLU A 224 4.42 11.52 11.56
N ALA A 225 4.48 12.01 10.30
CA ALA A 225 3.41 11.79 9.31
C ALA A 225 3.20 10.31 8.97
N PRO A 226 1.93 9.86 8.74
CA PRO A 226 1.73 8.44 8.39
C PRO A 226 2.24 8.13 6.98
N VAL A 227 3.11 7.13 6.84
CA VAL A 227 3.60 6.77 5.51
C VAL A 227 2.43 6.28 4.60
N THR A 228 1.40 5.65 5.20
CA THR A 228 0.24 5.16 4.42
C THR A 228 -0.72 6.27 4.01
N GLY A 229 -0.47 7.50 4.45
CA GLY A 229 -1.27 8.66 4.09
C GLY A 229 -1.01 9.15 2.68
N TYR A 230 0.00 8.56 1.99
CA TYR A 230 0.46 8.96 0.65
C TYR A 230 0.69 7.71 -0.20
N MET A 231 0.24 7.73 -1.48
CA MET A 231 0.30 6.56 -2.36
C MET A 231 1.67 5.89 -2.47
N PHE A 232 2.73 6.69 -2.59
CA PHE A 232 4.09 6.19 -2.69
C PHE A 232 4.94 6.63 -1.51
N GLY A 233 4.29 6.85 -0.39
CA GLY A 233 4.99 7.22 0.83
C GLY A 233 5.45 8.66 0.87
N LYS A 234 6.40 8.91 1.76
CA LYS A 234 6.82 10.29 2.07
C LYS A 234 7.97 10.77 1.20
N GLY A 235 7.59 11.30 0.07
CA GLY A 235 8.49 11.89 -0.90
C GLY A 235 7.87 13.16 -1.46
N ILE A 236 8.48 13.69 -2.51
CA ILE A 236 8.01 14.90 -3.23
C ILE A 236 7.51 14.40 -4.59
N TYR A 237 6.26 14.74 -4.90
CA TYR A 237 5.49 14.26 -6.02
C TYR A 237 5.43 15.25 -7.18
N PHE A 238 5.66 14.75 -8.38
CA PHE A 238 5.60 15.52 -9.64
C PHE A 238 4.79 14.78 -10.67
N ALA A 239 4.28 15.52 -11.68
CA ALA A 239 3.57 14.92 -12.80
C ALA A 239 4.23 15.44 -14.11
N ASP A 240 4.06 14.69 -15.20
CA ASP A 240 4.52 15.14 -16.54
C ASP A 240 3.30 15.69 -17.33
N MET A 241 2.10 15.60 -16.74
CA MET A 241 0.84 16.15 -17.33
C MET A 241 0.48 17.40 -16.52
N VAL A 242 0.44 18.56 -17.20
CA VAL A 242 0.12 19.80 -16.51
C VAL A 242 -1.21 19.71 -15.72
N SER A 243 -2.24 19.10 -16.31
CA SER A 243 -3.56 19.01 -15.68
C SER A 243 -3.58 18.14 -14.42
N LYS A 244 -2.75 17.08 -14.38
CA LYS A 244 -2.64 16.23 -13.17
C LYS A 244 -2.14 17.07 -11.99
N SER A 245 -1.08 17.88 -12.20
CA SER A 245 -0.57 18.76 -11.17
C SER A 245 -1.54 19.92 -10.93
N ALA A 246 -2.17 20.47 -11.99
CA ALA A 246 -3.12 21.60 -11.84
C ALA A 246 -4.31 21.24 -10.94
N ASN A 247 -4.71 19.96 -10.93
CA ASN A 247 -5.78 19.49 -10.06
C ASN A 247 -5.45 19.71 -8.58
N TYR A 248 -4.15 19.62 -8.22
CA TYR A 248 -3.68 19.79 -6.86
C TYR A 248 -3.56 21.28 -6.45
N CYS A 249 -3.92 22.25 -7.35
CA CYS A 249 -3.97 23.65 -6.96
C CYS A 249 -5.25 23.89 -6.12
N HIS A 250 -6.29 23.05 -6.35
CA HIS A 250 -7.59 23.14 -5.68
C HIS A 250 -8.28 24.50 -5.92
N THR A 251 -8.24 24.95 -7.20
CA THR A 251 -8.93 26.17 -7.64
C THR A 251 -10.42 25.83 -7.84
N SER A 252 -11.25 26.86 -7.98
CA SER A 252 -12.70 26.72 -8.16
C SER A 252 -13.24 27.96 -8.86
N GLN A 253 -14.56 27.98 -9.15
CA GLN A 253 -15.19 29.14 -9.78
C GLN A 253 -15.06 30.40 -8.89
N GLY A 254 -15.06 30.21 -7.58
CA GLY A 254 -14.91 31.32 -6.64
C GLY A 254 -13.46 31.73 -6.38
N ASP A 255 -12.47 30.97 -6.87
CA ASP A 255 -11.02 31.21 -6.72
C ASP A 255 -10.30 30.56 -7.94
N PRO A 256 -10.42 31.15 -9.18
CA PRO A 256 -9.91 30.47 -10.39
C PRO A 256 -8.46 30.69 -10.77
N ILE A 257 -7.70 31.41 -9.93
CA ILE A 257 -6.29 31.69 -10.19
C ILE A 257 -5.45 30.77 -9.32
N GLY A 258 -4.60 29.99 -9.97
CA GLY A 258 -3.70 29.06 -9.28
C GLY A 258 -2.25 29.26 -9.67
N LEU A 259 -1.37 28.58 -8.93
CA LEU A 259 0.07 28.62 -9.14
C LEU A 259 0.58 27.19 -9.28
N ILE A 260 1.46 27.00 -10.23
CA ILE A 260 2.06 25.69 -10.51
C ILE A 260 3.58 25.88 -10.69
N LEU A 261 4.36 24.88 -10.29
CA LEU A 261 5.81 24.92 -10.42
C LEU A 261 6.27 23.99 -11.52
N LEU A 262 7.42 24.36 -12.10
CA LEU A 262 8.21 23.50 -12.98
C LEU A 262 9.55 23.33 -12.28
N GLY A 263 9.90 22.11 -11.99
CA GLY A 263 11.17 21.87 -11.32
C GLY A 263 12.00 20.88 -12.09
N GLU A 264 13.31 21.05 -12.02
CA GLU A 264 14.23 20.07 -12.60
C GLU A 264 14.35 19.01 -11.50
N VAL A 265 14.01 17.76 -11.83
CA VAL A 265 14.04 16.65 -10.87
C VAL A 265 15.06 15.62 -11.35
N ALA A 266 16.05 15.30 -10.50
CA ALA A 266 17.08 14.33 -10.83
C ALA A 266 16.49 12.96 -10.45
N LEU A 267 15.90 12.31 -11.46
CA LEU A 267 15.22 11.01 -11.30
C LEU A 267 16.17 9.81 -11.23
N GLY A 268 17.24 9.85 -12.00
CA GLY A 268 18.24 8.77 -12.04
C GLY A 268 17.60 7.43 -12.36
N ASN A 269 17.95 6.42 -11.56
CA ASN A 269 17.44 5.05 -11.72
C ASN A 269 16.07 4.99 -11.07
N MET A 270 15.02 4.90 -11.90
CA MET A 270 13.63 4.91 -11.43
C MET A 270 13.15 3.53 -11.02
N TYR A 271 12.47 3.49 -9.87
CA TYR A 271 11.86 2.28 -9.35
C TYR A 271 10.41 2.36 -9.83
N GLU A 272 10.07 1.54 -10.84
CA GLU A 272 8.77 1.60 -11.53
C GLU A 272 7.69 0.81 -10.84
N LEU A 273 6.62 1.51 -10.42
CA LEU A 273 5.50 0.91 -9.70
C LEU A 273 4.17 1.14 -10.37
N LYS A 274 3.27 0.16 -10.25
CA LYS A 274 1.94 0.21 -10.86
C LYS A 274 0.83 0.43 -9.81
N HIS A 275 1.13 0.18 -8.52
CA HIS A 275 0.15 0.27 -7.43
C HIS A 275 0.82 0.83 -6.19
N ALA A 276 0.03 1.24 -5.19
CA ALA A 276 0.53 1.86 -3.99
C ALA A 276 1.61 1.06 -3.31
N SER A 277 2.63 1.77 -2.83
CA SER A 277 3.76 1.19 -2.12
C SER A 277 4.16 2.25 -1.09
N HIS A 278 3.75 2.04 0.18
CA HIS A 278 3.96 3.03 1.22
C HIS A 278 5.36 2.91 1.79
N ILE A 279 6.33 3.49 1.07
CA ILE A 279 7.75 3.42 1.42
C ILE A 279 8.29 4.72 1.98
N SER A 280 9.33 4.63 2.80
CA SER A 280 10.03 5.76 3.41
C SER A 280 11.41 5.90 2.71
N LYS A 281 11.99 4.75 2.35
CA LYS A 281 13.31 4.61 1.71
C LYS A 281 13.19 3.79 0.41
N LEU A 282 14.09 4.04 -0.55
CA LEU A 282 14.14 3.34 -1.81
C LEU A 282 15.02 2.09 -1.76
N PRO A 283 14.77 1.09 -2.65
CA PRO A 283 15.73 -0.05 -2.76
C PRO A 283 17.08 0.47 -3.24
N LYS A 284 18.18 -0.22 -2.83
CA LYS A 284 19.55 0.15 -3.21
C LYS A 284 19.72 0.37 -4.70
N GLY A 285 20.39 1.47 -5.06
CA GLY A 285 20.65 1.84 -6.45
C GLY A 285 19.52 2.58 -7.15
N LYS A 286 18.39 2.81 -6.47
CA LYS A 286 17.27 3.56 -7.04
C LYS A 286 17.27 4.98 -6.50
N HIS A 287 16.97 5.98 -7.35
CA HIS A 287 16.99 7.40 -6.97
C HIS A 287 15.59 8.02 -6.93
N SER A 288 14.60 7.33 -7.47
CA SER A 288 13.22 7.83 -7.51
C SER A 288 12.24 6.70 -7.74
N VAL A 289 10.95 7.02 -7.62
CA VAL A 289 9.85 6.13 -7.95
C VAL A 289 9.14 6.77 -9.15
N LYS A 290 8.80 5.95 -10.17
CA LYS A 290 7.94 6.37 -11.25
C LYS A 290 6.66 5.52 -11.15
N GLY A 291 5.56 6.17 -10.83
CA GLY A 291 4.25 5.56 -10.84
C GLY A 291 3.84 5.52 -12.30
N LEU A 292 3.72 4.31 -12.88
CA LEU A 292 3.44 4.13 -14.30
C LEU A 292 1.99 4.40 -14.66
N GLY A 293 1.76 5.42 -15.48
CA GLY A 293 0.40 5.74 -15.94
C GLY A 293 0.05 4.98 -17.20
N LYS A 294 -1.27 4.85 -17.51
CA LYS A 294 -1.75 4.23 -18.75
C LYS A 294 -1.38 5.15 -19.92
N THR A 295 -1.37 6.49 -19.67
CA THR A 295 -1.04 7.54 -20.62
C THR A 295 0.27 8.22 -20.22
N THR A 296 1.07 8.51 -21.22
CA THR A 296 2.36 9.17 -21.12
C THR A 296 2.52 10.21 -22.26
N PRO A 297 3.23 11.34 -22.03
CA PRO A 297 3.51 12.26 -23.16
C PRO A 297 4.36 11.52 -24.20
N ASP A 298 4.03 11.66 -25.50
CA ASP A 298 4.75 10.97 -26.59
C ASP A 298 6.28 11.15 -26.45
N PRO A 299 7.04 10.05 -26.21
CA PRO A 299 8.50 10.16 -26.01
C PRO A 299 9.32 10.71 -27.18
N SER A 300 8.82 10.58 -28.42
CA SER A 300 9.49 11.06 -29.62
C SER A 300 9.48 12.59 -29.69
N ALA A 301 8.52 13.24 -28.96
CA ALA A 301 8.38 14.69 -28.90
C ALA A 301 9.16 15.34 -27.76
N ASN A 302 9.95 14.54 -26.99
CA ASN A 302 10.79 15.04 -25.88
C ASN A 302 11.83 16.03 -26.40
N ILE A 303 11.92 17.19 -25.73
CA ILE A 303 12.82 18.28 -26.07
C ILE A 303 13.77 18.59 -24.90
N SER A 304 14.88 19.31 -25.16
CA SER A 304 15.84 19.70 -24.13
C SER A 304 15.85 21.21 -23.90
N LEU A 305 15.65 21.62 -22.63
CA LEU A 305 15.70 23.02 -22.20
C LEU A 305 16.82 23.13 -21.15
N ASP A 306 17.94 23.81 -21.50
CA ASP A 306 19.16 23.97 -20.69
C ASP A 306 19.70 22.60 -20.20
N GLY A 307 19.73 21.63 -21.12
CA GLY A 307 20.22 20.27 -20.88
C GLY A 307 19.31 19.37 -20.06
N VAL A 308 18.03 19.76 -19.87
CA VAL A 308 17.06 18.98 -19.09
C VAL A 308 15.91 18.52 -20.01
N ASP A 309 15.50 17.24 -19.90
CA ASP A 309 14.40 16.67 -20.68
C ASP A 309 13.05 17.31 -20.33
N VAL A 310 12.33 17.73 -21.35
CA VAL A 310 11.00 18.34 -21.23
C VAL A 310 10.00 17.40 -21.93
N PRO A 311 9.20 16.61 -21.16
CA PRO A 311 8.28 15.66 -21.81
C PRO A 311 6.99 16.36 -22.23
N LEU A 312 7.08 17.27 -23.22
CA LEU A 312 5.92 18.06 -23.64
C LEU A 312 5.12 17.45 -24.81
N GLY A 313 5.27 16.16 -25.06
CA GLY A 313 4.49 15.50 -26.11
C GLY A 313 3.03 15.34 -25.72
N THR A 314 2.15 15.21 -26.73
CA THR A 314 0.72 14.98 -26.43
C THR A 314 0.57 13.55 -25.88
N GLY A 315 -0.42 13.35 -25.01
CA GLY A 315 -0.67 12.07 -24.36
C GLY A 315 -0.97 10.92 -25.30
N ILE A 316 -0.28 9.78 -25.11
CA ILE A 316 -0.41 8.54 -25.89
C ILE A 316 -0.42 7.33 -24.93
N SER A 317 -0.82 6.14 -25.40
CA SER A 317 -0.80 4.94 -24.55
C SER A 317 0.65 4.61 -24.20
N SER A 318 0.90 4.30 -22.91
CA SER A 318 2.23 3.94 -22.43
C SER A 318 2.56 2.47 -22.75
N GLY A 319 1.52 1.69 -23.00
CA GLY A 319 1.64 0.25 -23.23
C GLY A 319 1.69 -0.51 -21.92
N VAL A 320 1.48 0.19 -20.78
CA VAL A 320 1.48 -0.40 -19.44
C VAL A 320 0.07 -0.93 -19.10
N ASN A 321 -0.01 -2.23 -18.81
CA ASN A 321 -1.27 -2.92 -18.47
C ASN A 321 -1.43 -3.11 -16.97
N ASP A 322 -2.69 -3.02 -16.50
CA ASP A 322 -3.13 -3.23 -15.11
C ASP A 322 -2.38 -2.33 -14.12
N THR A 323 -2.58 -1.02 -14.28
CA THR A 323 -1.97 -0.05 -13.40
C THR A 323 -3.05 0.76 -12.70
N SER A 324 -2.80 1.18 -11.46
CA SER A 324 -3.74 2.01 -10.69
C SER A 324 -3.74 3.49 -11.15
N LEU A 325 -2.82 3.85 -12.06
CA LEU A 325 -2.67 5.24 -12.47
C LEU A 325 -3.05 5.53 -13.90
N LEU A 326 -3.80 6.61 -14.11
CA LEU A 326 -4.15 7.02 -15.46
C LEU A 326 -2.95 7.72 -16.09
N TYR A 327 -2.18 8.47 -15.27
CA TYR A 327 -1.03 9.25 -15.73
C TYR A 327 0.16 9.01 -14.84
N ASN A 328 1.36 9.26 -15.37
CA ASN A 328 2.59 9.07 -14.59
C ASN A 328 2.67 10.01 -13.39
N GLU A 329 3.46 9.63 -12.42
CA GLU A 329 3.87 10.48 -11.33
C GLU A 329 5.27 10.06 -10.94
N TYR A 330 6.04 11.02 -10.48
CA TYR A 330 7.43 10.82 -10.12
C TYR A 330 7.62 11.29 -8.69
N ILE A 331 8.37 10.50 -7.92
CA ILE A 331 8.57 10.78 -6.52
C ILE A 331 10.04 10.67 -6.16
N VAL A 332 10.57 11.70 -5.50
CA VAL A 332 11.94 11.68 -4.97
C VAL A 332 11.85 11.69 -3.44
N TYR A 333 12.83 11.06 -2.77
CA TYR A 333 12.82 10.89 -1.31
C TYR A 333 13.96 11.63 -0.62
N ASP A 334 14.61 12.54 -1.36
CA ASP A 334 15.68 13.41 -0.89
C ASP A 334 15.39 14.77 -1.50
N ILE A 335 15.15 15.79 -0.64
CA ILE A 335 14.83 17.18 -1.03
C ILE A 335 15.91 17.81 -1.95
N ALA A 336 17.18 17.33 -1.85
CA ALA A 336 18.27 17.87 -2.66
C ALA A 336 18.16 17.49 -4.16
N GLN A 337 17.28 16.52 -4.50
CA GLN A 337 17.09 16.07 -5.89
C GLN A 337 16.16 16.98 -6.71
N VAL A 338 15.78 18.15 -6.14
CA VAL A 338 14.85 19.09 -6.81
C VAL A 338 15.50 20.46 -6.92
N ASN A 339 15.44 21.04 -8.12
CA ASN A 339 15.92 22.38 -8.37
C ASN A 339 14.74 23.12 -9.05
N LEU A 340 14.00 23.93 -8.28
CA LEU A 340 12.87 24.71 -8.81
C LEU A 340 13.34 25.70 -9.87
N LYS A 341 12.65 25.73 -11.02
CA LYS A 341 13.08 26.56 -12.13
C LYS A 341 12.08 27.64 -12.50
N TYR A 342 10.80 27.27 -12.58
CA TYR A 342 9.75 28.22 -12.98
C TYR A 342 8.54 28.14 -12.10
N LEU A 343 7.78 29.22 -12.08
CA LEU A 343 6.52 29.32 -11.40
C LEU A 343 5.53 29.95 -12.39
N LEU A 344 4.39 29.29 -12.60
CA LEU A 344 3.36 29.79 -13.52
C LEU A 344 2.12 30.20 -12.76
N LYS A 345 1.54 31.35 -13.15
CA LYS A 345 0.28 31.80 -12.60
C LYS A 345 -0.73 31.45 -13.69
N LEU A 346 -1.70 30.60 -13.36
CA LEU A 346 -2.69 30.09 -14.31
C LEU A 346 -4.08 30.60 -14.03
N LYS A 347 -4.85 30.81 -15.09
CA LYS A 347 -6.25 31.12 -14.98
C LYS A 347 -7.00 29.84 -15.40
N PHE A 348 -7.80 29.29 -14.48
CA PHE A 348 -8.64 28.12 -14.74
C PHE A 348 -9.99 28.57 -15.26
N ASN A 349 -10.31 28.21 -16.51
CA ASN A 349 -11.59 28.52 -17.13
C ASN A 349 -12.45 27.28 -16.99
N PHE A 350 -13.40 27.30 -16.04
CA PHE A 350 -14.27 26.16 -15.78
C PHE A 350 -15.40 26.11 -16.81
N LYS A 351 -15.50 24.98 -17.53
CA LYS A 351 -16.48 24.75 -18.59
C LYS A 351 -17.82 24.29 -18.03
N THR A 352 -17.79 23.72 -16.80
CA THR A 352 -18.92 23.20 -16.04
C THR A 352 -19.80 24.33 -15.48
N LYS B 3 -8.61 -53.23 3.44
CA LYS B 3 -8.44 -52.19 4.45
C LYS B 3 -7.03 -51.59 4.42
N SER B 4 -6.94 -50.25 4.59
CA SER B 4 -5.67 -49.54 4.57
C SER B 4 -4.68 -49.97 5.64
N LYS B 5 -3.39 -50.07 5.26
CA LYS B 5 -2.29 -50.39 6.17
C LYS B 5 -1.54 -49.09 6.60
N LEU B 6 -1.99 -47.92 6.10
CA LEU B 6 -1.39 -46.66 6.47
C LEU B 6 -1.47 -46.43 7.99
N PRO B 7 -0.46 -45.78 8.63
CA PRO B 7 -0.59 -45.45 10.06
C PRO B 7 -1.90 -44.69 10.33
N LYS B 8 -2.55 -45.02 11.46
CA LYS B 8 -3.81 -44.40 11.88
C LYS B 8 -3.74 -42.84 11.86
N PRO B 9 -2.67 -42.13 12.33
CA PRO B 9 -2.64 -40.65 12.18
C PRO B 9 -2.71 -40.17 10.73
N VAL B 10 -2.11 -40.93 9.78
CA VAL B 10 -2.14 -40.58 8.35
C VAL B 10 -3.56 -40.78 7.80
N GLN B 11 -4.22 -41.89 8.20
CA GLN B 11 -5.60 -42.18 7.79
C GLN B 11 -6.55 -41.06 8.27
N ASP B 12 -6.40 -40.64 9.53
CA ASP B 12 -7.16 -39.54 10.14
C ASP B 12 -6.90 -38.21 9.42
N LEU B 13 -5.64 -37.95 9.03
CA LEU B 13 -5.27 -36.76 8.26
C LEU B 13 -6.01 -36.78 6.89
N ILE B 14 -5.96 -37.91 6.14
CA ILE B 14 -6.64 -38.09 4.85
C ILE B 14 -8.15 -37.85 4.99
N LYS B 15 -8.77 -38.44 6.04
CA LYS B 15 -10.20 -38.26 6.31
C LYS B 15 -10.56 -36.79 6.52
N MET B 16 -9.74 -36.04 7.30
CA MET B 16 -9.95 -34.61 7.58
C MET B 16 -9.88 -33.76 6.32
N ILE B 17 -8.83 -34.00 5.51
CA ILE B 17 -8.49 -33.24 4.28
C ILE B 17 -9.58 -33.38 3.20
N PHE B 18 -10.13 -34.58 3.03
CA PHE B 18 -11.10 -34.84 1.97
C PHE B 18 -12.56 -34.84 2.43
N ASP B 19 -12.85 -34.37 3.66
CA ASP B 19 -14.19 -34.30 4.24
C ASP B 19 -15.07 -33.29 3.47
N VAL B 20 -16.05 -33.81 2.69
CA VAL B 20 -16.98 -32.99 1.86
C VAL B 20 -17.82 -32.05 2.74
N GLU B 21 -18.27 -32.55 3.92
CA GLU B 21 -19.08 -31.76 4.86
C GLU B 21 -18.30 -30.56 5.40
N SER B 22 -16.97 -30.71 5.60
CA SER B 22 -16.12 -29.59 6.04
C SER B 22 -16.01 -28.52 4.96
N MET B 23 -16.00 -28.94 3.68
CA MET B 23 -15.97 -28.02 2.55
C MET B 23 -17.26 -27.17 2.52
N LYS B 24 -18.43 -27.85 2.70
CA LYS B 24 -19.74 -27.19 2.75
C LYS B 24 -19.80 -26.21 3.92
N LYS B 25 -19.30 -26.63 5.12
CA LYS B 25 -19.22 -25.78 6.31
C LYS B 25 -18.37 -24.50 6.07
N ALA B 26 -17.20 -24.64 5.40
CA ALA B 26 -16.36 -23.49 5.06
C ALA B 26 -17.16 -22.52 4.18
N MET B 27 -17.88 -23.05 3.18
CA MET B 27 -18.71 -22.24 2.28
C MET B 27 -19.83 -21.49 3.02
N VAL B 28 -20.52 -22.17 3.97
CA VAL B 28 -21.56 -21.57 4.82
C VAL B 28 -20.96 -20.42 5.66
N GLU B 29 -19.75 -20.63 6.23
CA GLU B 29 -19.00 -19.63 7.01
C GLU B 29 -18.77 -18.33 6.20
N TYR B 30 -18.63 -18.46 4.87
CA TYR B 30 -18.40 -17.33 3.97
C TYR B 30 -19.70 -16.70 3.48
N GLU B 31 -20.84 -17.22 4.06
CA GLU B 31 -22.25 -16.92 3.84
C GLU B 31 -22.70 -17.17 2.38
N ILE B 32 -22.05 -18.15 1.74
CA ILE B 32 -22.39 -18.60 0.40
C ILE B 32 -23.72 -19.39 0.49
N ASP B 33 -24.59 -19.20 -0.51
CA ASP B 33 -25.90 -19.87 -0.58
C ASP B 33 -25.71 -21.24 -1.22
N LEU B 34 -25.69 -22.32 -0.41
CA LEU B 34 -25.50 -23.69 -0.90
C LEU B 34 -26.67 -24.22 -1.76
N GLN B 35 -27.86 -23.64 -1.59
CA GLN B 35 -29.03 -24.03 -2.39
C GLN B 35 -28.81 -23.56 -3.83
N LYS B 36 -28.28 -22.34 -4.02
CA LYS B 36 -28.01 -21.74 -5.33
C LYS B 36 -26.65 -22.16 -5.92
N MET B 37 -25.62 -22.30 -5.07
CA MET B 37 -24.27 -22.68 -5.49
C MET B 37 -23.74 -23.85 -4.65
N PRO B 38 -24.19 -25.10 -4.96
CA PRO B 38 -23.68 -26.25 -4.19
C PRO B 38 -22.21 -26.52 -4.53
N LEU B 39 -21.55 -27.25 -3.64
CA LEU B 39 -20.17 -27.62 -3.77
C LEU B 39 -19.81 -28.08 -5.21
N GLY B 40 -20.65 -28.97 -5.77
CA GLY B 40 -20.48 -29.54 -7.10
C GLY B 40 -20.57 -28.56 -8.26
N LYS B 41 -21.17 -27.37 -8.03
CA LYS B 41 -21.34 -26.35 -9.06
C LYS B 41 -20.24 -25.26 -9.06
N LEU B 42 -19.33 -25.27 -8.05
CA LEU B 42 -18.19 -24.35 -7.99
C LEU B 42 -17.27 -24.66 -9.14
N SER B 43 -16.95 -23.64 -9.91
CA SER B 43 -16.04 -23.84 -11.02
C SER B 43 -14.88 -22.86 -10.91
N LYS B 44 -13.71 -23.29 -11.43
CA LYS B 44 -12.48 -22.53 -11.51
C LYS B 44 -12.71 -21.22 -12.32
N ARG B 45 -13.42 -21.31 -13.47
CA ARG B 45 -13.73 -20.14 -14.29
C ARG B 45 -14.68 -19.17 -13.60
N GLN B 46 -15.63 -19.67 -12.78
CA GLN B 46 -16.53 -18.84 -11.99
C GLN B 46 -15.71 -18.02 -10.97
N ILE B 47 -14.79 -18.68 -10.25
CA ILE B 47 -13.94 -18.03 -9.26
C ILE B 47 -13.02 -17.01 -9.93
N GLN B 48 -12.43 -17.37 -11.09
CA GLN B 48 -11.56 -16.48 -11.85
C GLN B 48 -12.32 -15.22 -12.30
N ALA B 49 -13.60 -15.39 -12.72
CA ALA B 49 -14.45 -14.25 -13.12
C ALA B 49 -14.76 -13.35 -11.88
N ALA B 50 -14.93 -13.96 -10.71
CA ALA B 50 -15.17 -13.20 -9.47
C ALA B 50 -13.93 -12.39 -9.09
N TYR B 51 -12.70 -12.99 -9.23
CA TYR B 51 -11.43 -12.27 -9.01
C TYR B 51 -11.34 -11.06 -9.99
N SER B 52 -11.70 -11.29 -11.29
CA SER B 52 -11.69 -10.23 -12.33
C SER B 52 -12.55 -9.03 -11.88
N ILE B 53 -13.73 -9.30 -11.26
CA ILE B 53 -14.68 -8.27 -10.74
C ILE B 53 -14.00 -7.50 -9.61
N LEU B 54 -13.25 -8.19 -8.72
CA LEU B 54 -12.53 -7.52 -7.64
C LEU B 54 -11.43 -6.63 -8.21
N SER B 55 -10.75 -7.11 -9.29
CA SER B 55 -9.72 -6.31 -9.95
C SER B 55 -10.36 -5.07 -10.60
N GLU B 56 -11.58 -5.21 -11.13
CA GLU B 56 -12.31 -4.09 -11.72
C GLU B 56 -12.67 -3.05 -10.64
N VAL B 57 -13.00 -3.51 -9.40
CA VAL B 57 -13.31 -2.65 -8.26
C VAL B 57 -12.05 -1.87 -7.89
N GLN B 58 -10.89 -2.57 -7.77
CA GLN B 58 -9.57 -1.98 -7.49
C GLN B 58 -9.27 -0.87 -8.51
N GLN B 59 -9.48 -1.18 -9.82
CA GLN B 59 -9.21 -0.21 -10.89
C GLN B 59 -10.14 0.99 -10.83
N ALA B 60 -11.44 0.76 -10.58
CA ALA B 60 -12.44 1.84 -10.49
C ALA B 60 -12.14 2.77 -9.31
N VAL B 61 -11.80 2.20 -8.14
CA VAL B 61 -11.42 2.92 -6.92
C VAL B 61 -10.20 3.83 -7.26
N SER B 62 -9.13 3.23 -7.83
CA SER B 62 -7.89 3.96 -8.19
C SER B 62 -8.10 5.04 -9.27
N GLN B 63 -8.90 4.73 -10.31
CA GLN B 63 -9.25 5.65 -11.41
C GLN B 63 -10.01 6.88 -10.89
N GLY B 64 -10.69 6.70 -9.75
CA GLY B 64 -11.45 7.74 -9.08
C GLY B 64 -12.76 8.11 -9.73
N SER B 65 -13.69 8.67 -8.91
CA SER B 65 -15.02 9.15 -9.31
C SER B 65 -15.86 8.10 -10.10
N SER B 66 -15.78 6.83 -9.66
CA SER B 66 -16.52 5.72 -10.28
C SER B 66 -17.44 5.06 -9.22
N ASP B 67 -17.95 5.87 -8.24
CA ASP B 67 -18.76 5.40 -7.11
C ASP B 67 -19.97 4.54 -7.50
N SER B 68 -20.80 5.00 -8.47
CA SER B 68 -21.96 4.21 -8.91
C SER B 68 -21.52 2.94 -9.66
N GLN B 69 -20.41 3.03 -10.43
CA GLN B 69 -19.80 1.87 -11.12
C GLN B 69 -19.40 0.80 -10.10
N ILE B 70 -18.75 1.20 -9.00
CA ILE B 70 -18.33 0.33 -7.88
C ILE B 70 -19.54 -0.41 -7.28
N LEU B 71 -20.66 0.29 -7.08
CA LEU B 71 -21.90 -0.28 -6.56
C LEU B 71 -22.43 -1.38 -7.49
N ASP B 72 -22.39 -1.14 -8.81
CA ASP B 72 -22.82 -2.10 -9.83
C ASP B 72 -21.87 -3.31 -9.79
N LEU B 73 -20.56 -3.05 -9.67
CA LEU B 73 -19.58 -4.12 -9.61
C LEU B 73 -19.78 -5.01 -8.38
N SER B 74 -20.13 -4.39 -7.24
CA SER B 74 -20.40 -5.11 -5.98
C SER B 74 -21.62 -6.02 -6.19
N ASN B 75 -22.70 -5.49 -6.78
CA ASN B 75 -23.91 -6.27 -7.04
C ASN B 75 -23.60 -7.45 -7.99
N ARG B 76 -22.73 -7.23 -9.00
CA ARG B 76 -22.28 -8.27 -9.95
C ARG B 76 -21.60 -9.42 -9.22
N PHE B 77 -20.76 -9.08 -8.24
CA PHE B 77 -20.02 -10.07 -7.47
C PHE B 77 -21.01 -10.99 -6.70
N TYR B 78 -22.05 -10.38 -6.07
CA TYR B 78 -23.09 -11.14 -5.36
C TYR B 78 -24.03 -11.90 -6.31
N THR B 79 -24.02 -11.56 -7.60
CA THR B 79 -24.81 -12.27 -8.58
C THR B 79 -24.02 -13.48 -9.04
N LEU B 80 -22.70 -13.31 -9.21
CA LEU B 80 -21.77 -14.36 -9.64
C LEU B 80 -21.55 -15.43 -8.56
N ILE B 81 -21.33 -14.99 -7.33
CA ILE B 81 -21.14 -15.90 -6.21
C ILE B 81 -22.38 -15.70 -5.36
N PRO B 82 -23.44 -16.55 -5.49
CA PRO B 82 -24.67 -16.33 -4.71
C PRO B 82 -24.41 -16.45 -3.21
N HIS B 83 -24.86 -15.44 -2.47
CA HIS B 83 -24.73 -15.42 -1.03
C HIS B 83 -26.12 -15.44 -0.40
N ASP B 84 -26.20 -15.88 0.85
CA ASP B 84 -27.47 -15.89 1.58
C ASP B 84 -27.19 -15.28 2.94
N PHE B 85 -27.45 -13.97 3.04
CA PHE B 85 -27.22 -13.20 4.27
C PHE B 85 -28.48 -13.11 5.13
N GLY B 86 -29.47 -13.97 4.83
CA GLY B 86 -30.75 -13.98 5.52
C GLY B 86 -31.51 -12.67 5.34
N MET B 87 -31.71 -11.93 6.44
CA MET B 87 -32.42 -10.63 6.43
C MET B 87 -31.44 -9.46 6.54
N LYS B 88 -30.12 -9.74 6.45
CA LYS B 88 -29.05 -8.74 6.56
C LYS B 88 -28.60 -8.27 5.19
N LYS B 89 -28.04 -7.06 5.14
CA LYS B 89 -27.50 -6.52 3.91
C LYS B 89 -26.08 -7.06 3.71
N PRO B 90 -25.74 -7.55 2.50
CA PRO B 90 -24.35 -8.00 2.24
C PRO B 90 -23.37 -6.83 2.30
N PRO B 91 -22.07 -7.03 2.66
CA PRO B 91 -21.15 -5.88 2.74
C PRO B 91 -20.93 -5.30 1.36
N LEU B 92 -20.99 -3.98 1.26
CA LEU B 92 -20.78 -3.29 -0.01
C LEU B 92 -19.29 -3.38 -0.39
N LEU B 93 -19.00 -3.71 -1.66
CA LEU B 93 -17.61 -3.84 -2.08
C LEU B 93 -17.08 -2.55 -2.61
N ASN B 94 -16.95 -1.55 -1.72
CA ASN B 94 -16.55 -0.18 -2.06
C ASN B 94 -15.24 0.27 -1.41
N ASN B 95 -14.67 -0.54 -0.49
CA ASN B 95 -13.42 -0.20 0.20
C ASN B 95 -12.38 -1.33 0.16
N ALA B 96 -11.11 -1.00 0.48
CA ALA B 96 -9.98 -1.94 0.51
C ALA B 96 -10.27 -3.14 1.40
N ASP B 97 -10.85 -2.92 2.60
CA ASP B 97 -11.19 -3.97 3.55
C ASP B 97 -12.12 -5.03 2.97
N SER B 98 -13.20 -4.60 2.27
CA SER B 98 -14.17 -5.52 1.65
C SER B 98 -13.52 -6.27 0.49
N VAL B 99 -12.68 -5.58 -0.32
CA VAL B 99 -11.96 -6.20 -1.44
C VAL B 99 -11.03 -7.31 -0.91
N GLN B 100 -10.23 -6.98 0.12
CA GLN B 100 -9.30 -7.90 0.76
C GLN B 100 -10.04 -9.12 1.32
N ALA B 101 -11.16 -8.90 2.07
CA ALA B 101 -11.98 -9.99 2.62
C ALA B 101 -12.51 -10.93 1.50
N LYS B 102 -12.99 -10.36 0.38
CA LYS B 102 -13.50 -11.17 -0.73
C LYS B 102 -12.38 -11.89 -1.47
N ALA B 103 -11.18 -11.25 -1.61
CA ALA B 103 -10.00 -11.86 -2.25
C ALA B 103 -9.59 -13.11 -1.45
N GLU B 104 -9.57 -12.99 -0.13
CA GLU B 104 -9.24 -14.11 0.79
C GLU B 104 -10.25 -15.26 0.66
N MET B 105 -11.56 -14.91 0.57
CA MET B 105 -12.65 -15.88 0.40
CA MET B 105 -12.65 -15.87 0.40
C MET B 105 -12.45 -16.65 -0.92
N LEU B 106 -12.16 -15.93 -2.03
CA LEU B 106 -11.93 -16.57 -3.33
C LEU B 106 -10.71 -17.48 -3.29
N ASP B 107 -9.61 -17.09 -2.58
CA ASP B 107 -8.42 -17.93 -2.42
C ASP B 107 -8.88 -19.29 -1.84
N ASN B 108 -9.76 -19.25 -0.82
CA ASN B 108 -10.31 -20.45 -0.17
C ASN B 108 -11.21 -21.27 -1.10
N LEU B 109 -12.09 -20.60 -1.87
CA LEU B 109 -12.95 -21.28 -2.82
C LEU B 109 -12.13 -21.97 -3.89
N LEU B 110 -11.01 -21.36 -4.32
CA LEU B 110 -10.10 -21.95 -5.31
C LEU B 110 -9.54 -23.27 -4.83
N ASP B 111 -9.10 -23.36 -3.55
CA ASP B 111 -8.55 -24.60 -2.99
C ASP B 111 -9.61 -25.65 -2.76
N ILE B 112 -10.83 -25.23 -2.36
CA ILE B 112 -11.99 -26.12 -2.16
C ILE B 112 -12.35 -26.78 -3.50
N GLU B 113 -12.39 -25.98 -4.58
CA GLU B 113 -12.67 -26.47 -5.93
C GLU B 113 -11.60 -27.50 -6.35
N VAL B 114 -10.30 -27.24 -6.05
CA VAL B 114 -9.22 -28.21 -6.33
C VAL B 114 -9.49 -29.54 -5.58
N ALA B 115 -9.77 -29.48 -4.25
CA ALA B 115 -10.03 -30.68 -3.42
C ALA B 115 -11.20 -31.48 -3.98
N TYR B 116 -12.33 -30.78 -4.28
CA TYR B 116 -13.50 -31.44 -4.83
C TYR B 116 -13.22 -32.07 -6.20
N SER B 117 -12.46 -31.37 -7.10
CA SER B 117 -12.10 -31.89 -8.43
C SER B 117 -11.26 -33.16 -8.31
N LEU B 118 -10.34 -33.16 -7.34
CA LEU B 118 -9.45 -34.28 -7.05
C LEU B 118 -10.26 -35.52 -6.66
N LEU B 119 -11.26 -35.36 -5.75
CA LEU B 119 -12.20 -36.37 -5.26
C LEU B 119 -13.09 -36.94 -6.39
N ARG B 120 -13.46 -36.11 -7.35
CA ARG B 120 -14.33 -36.52 -8.46
C ARG B 120 -13.60 -37.00 -9.71
N GLY B 121 -12.27 -36.85 -9.72
CA GLY B 121 -11.44 -37.20 -10.86
C GLY B 121 -10.53 -38.39 -10.69
N GLY B 122 -9.70 -38.59 -11.72
CA GLY B 122 -8.74 -39.69 -11.78
C GLY B 122 -9.44 -41.01 -12.00
N SER B 123 -8.84 -42.12 -11.50
CA SER B 123 -9.42 -43.46 -11.61
C SER B 123 -10.05 -43.89 -10.27
N ASP B 124 -11.13 -44.65 -10.34
CA ASP B 124 -11.90 -45.11 -9.20
C ASP B 124 -11.90 -46.64 -9.17
N ASP B 125 -11.50 -47.20 -8.03
CA ASP B 125 -11.43 -48.64 -7.80
C ASP B 125 -12.07 -48.98 -6.44
N SER B 126 -13.30 -49.52 -6.47
CA SER B 126 -14.07 -49.92 -5.29
C SER B 126 -13.41 -51.08 -4.50
N SER B 127 -12.48 -51.83 -5.13
CA SER B 127 -11.77 -52.93 -4.45
C SER B 127 -10.75 -52.37 -3.43
N LYS B 128 -10.30 -51.12 -3.64
CA LYS B 128 -9.36 -50.44 -2.76
C LYS B 128 -10.09 -49.61 -1.70
N ASP B 129 -9.45 -49.47 -0.51
CA ASP B 129 -9.92 -48.62 0.57
C ASP B 129 -9.89 -47.16 0.06
N PRO B 130 -11.00 -46.40 0.16
CA PRO B 130 -11.00 -45.00 -0.29
C PRO B 130 -9.92 -44.12 0.36
N ILE B 131 -9.50 -44.44 1.61
CA ILE B 131 -8.42 -43.71 2.30
C ILE B 131 -7.10 -43.84 1.50
N ASP B 132 -6.77 -45.07 1.03
CA ASP B 132 -5.58 -45.34 0.21
C ASP B 132 -5.70 -44.63 -1.16
N VAL B 133 -6.91 -44.67 -1.76
CA VAL B 133 -7.22 -44.01 -3.03
C VAL B 133 -6.98 -42.50 -2.89
N ASN B 134 -7.56 -41.87 -1.84
CA ASN B 134 -7.40 -40.44 -1.58
C ASN B 134 -5.97 -40.05 -1.24
N TYR B 135 -5.24 -40.92 -0.51
CA TYR B 135 -3.83 -40.70 -0.20
C TYR B 135 -3.02 -40.58 -1.50
N GLU B 136 -3.24 -41.49 -2.47
CA GLU B 136 -2.55 -41.52 -3.76
C GLU B 136 -2.79 -40.26 -4.59
N LYS B 137 -3.96 -39.62 -4.45
CA LYS B 137 -4.31 -38.39 -5.18
C LYS B 137 -3.46 -37.20 -4.80
N LEU B 138 -2.90 -37.21 -3.59
CA LEU B 138 -2.07 -36.12 -3.06
C LEU B 138 -0.68 -36.07 -3.68
N LYS B 139 -0.17 -37.21 -4.22
CA LYS B 139 1.16 -37.35 -4.83
C LYS B 139 2.22 -36.83 -3.86
N THR B 140 2.05 -37.20 -2.59
CA THR B 140 2.86 -36.74 -1.48
C THR B 140 3.15 -37.91 -0.54
N ASP B 141 4.43 -38.10 -0.20
CA ASP B 141 4.82 -39.10 0.78
C ASP B 141 4.60 -38.45 2.16
N ILE B 142 3.76 -39.07 2.99
CA ILE B 142 3.41 -38.58 4.31
C ILE B 142 3.86 -39.60 5.35
N LYS B 143 4.79 -39.20 6.21
CA LYS B 143 5.27 -40.10 7.27
C LYS B 143 5.03 -39.48 8.61
N VAL B 144 4.77 -40.29 9.63
CA VAL B 144 4.57 -39.82 10.99
C VAL B 144 5.94 -39.65 11.61
N VAL B 145 6.20 -38.45 12.16
CA VAL B 145 7.47 -38.17 12.84
C VAL B 145 7.38 -38.75 14.25
N ASP B 146 8.40 -39.56 14.65
CA ASP B 146 8.45 -40.17 15.98
C ASP B 146 8.50 -39.05 17.02
N ARG B 147 7.57 -39.08 17.99
CA ARG B 147 7.43 -38.08 19.06
C ARG B 147 8.71 -37.90 19.88
N ASP B 148 9.52 -38.96 19.99
CA ASP B 148 10.76 -38.95 20.77
C ASP B 148 12.00 -38.54 19.95
N SER B 149 11.84 -38.29 18.63
CA SER B 149 12.94 -37.90 17.75
C SER B 149 13.38 -36.45 17.96
N GLU B 150 14.64 -36.14 17.58
CA GLU B 150 15.22 -34.79 17.66
C GLU B 150 14.44 -33.79 16.81
N GLU B 151 13.98 -34.19 15.60
CA GLU B 151 13.19 -33.30 14.74
C GLU B 151 11.85 -32.93 15.41
N ALA B 152 11.20 -33.90 16.13
CA ALA B 152 9.96 -33.62 16.88
C ALA B 152 10.25 -32.64 18.04
N GLU B 153 11.40 -32.82 18.76
CA GLU B 153 11.83 -31.94 19.85
C GLU B 153 12.03 -30.50 19.36
N ILE B 154 12.69 -30.32 18.20
CA ILE B 154 12.93 -28.99 17.61
C ILE B 154 11.58 -28.35 17.23
N ILE B 155 10.71 -29.12 16.57
CA ILE B 155 9.38 -28.65 16.14
C ILE B 155 8.55 -28.23 17.37
N ARG B 156 8.51 -29.05 18.42
CA ARG B 156 7.77 -28.71 19.63
C ARG B 156 8.29 -27.43 20.29
N LYS B 157 9.63 -27.21 20.29
CA LYS B 157 10.24 -26.01 20.85
C LYS B 157 9.80 -24.79 20.04
N TYR B 158 9.79 -24.94 18.71
CA TYR B 158 9.37 -23.86 17.78
C TYR B 158 7.92 -23.43 18.12
N VAL B 159 7.02 -24.40 18.32
CA VAL B 159 5.62 -24.17 18.71
C VAL B 159 5.55 -23.53 20.12
N LYS B 160 6.29 -24.10 21.09
CA LYS B 160 6.30 -23.65 22.48
C LYS B 160 6.79 -22.21 22.64
N ASN B 161 7.80 -21.81 21.86
CA ASN B 161 8.46 -20.52 22.04
C ASN B 161 7.93 -19.36 21.22
N THR B 162 7.19 -19.63 20.15
CA THR B 162 6.77 -18.55 19.26
C THR B 162 5.25 -18.29 19.25
N HIS B 163 4.60 -18.52 20.41
CA HIS B 163 3.17 -18.22 20.55
C HIS B 163 3.11 -16.84 21.17
N ALA B 164 2.67 -15.84 20.40
CA ALA B 164 2.58 -14.45 20.84
C ALA B 164 1.61 -14.26 22.01
N THR B 165 1.98 -13.40 22.98
CA THR B 165 1.16 -13.05 24.14
C THR B 165 -0.17 -12.42 23.69
N THR B 166 -0.13 -11.61 22.59
CA THR B 166 -1.35 -11.02 22.03
C THR B 166 -2.30 -12.08 21.40
N HIS B 167 -1.82 -13.31 21.18
CA HIS B 167 -2.64 -14.39 20.61
C HIS B 167 -3.02 -15.42 21.70
N ASN B 168 -3.13 -14.96 22.95
CA ASN B 168 -3.46 -15.84 24.08
C ASN B 168 -4.99 -16.17 24.21
N ALA B 169 -5.79 -15.95 23.12
CA ALA B 169 -7.22 -16.32 22.96
C ALA B 169 -7.38 -17.87 22.85
N TYR B 170 -6.24 -18.57 22.80
CA TYR B 170 -6.13 -20.02 22.68
C TYR B 170 -4.71 -20.46 22.99
N ASP B 171 -4.58 -21.74 23.38
CA ASP B 171 -3.32 -22.45 23.57
C ASP B 171 -3.27 -23.49 22.43
N LEU B 172 -2.04 -23.89 22.02
CA LEU B 172 -1.83 -24.90 20.98
C LEU B 172 -1.25 -26.15 21.58
N GLU B 173 -1.81 -27.29 21.17
CA GLU B 173 -1.36 -28.62 21.53
C GLU B 173 -1.02 -29.33 20.21
N VAL B 174 0.23 -29.80 20.06
CA VAL B 174 0.61 -30.51 18.85
C VAL B 174 0.06 -31.94 18.94
N ILE B 175 -0.83 -32.32 18.02
CA ILE B 175 -1.41 -33.67 18.00
C ILE B 175 -0.49 -34.64 17.25
N ASP B 176 -0.20 -34.34 15.98
CA ASP B 176 0.67 -35.16 15.15
C ASP B 176 1.60 -34.27 14.36
N ILE B 177 2.78 -34.79 14.07
CA ILE B 177 3.78 -34.15 13.24
C ILE B 177 4.04 -35.09 12.06
N PHE B 178 3.82 -34.59 10.85
CA PHE B 178 4.08 -35.39 9.66
C PHE B 178 5.23 -34.81 8.87
N LYS B 179 6.10 -35.69 8.36
CA LYS B 179 7.17 -35.29 7.45
C LYS B 179 6.56 -35.52 6.06
N ILE B 180 6.56 -34.49 5.24
CA ILE B 180 5.95 -34.55 3.92
C ILE B 180 6.95 -34.32 2.79
N GLU B 181 6.69 -34.99 1.68
CA GLU B 181 7.48 -34.84 0.49
C GLU B 181 6.56 -34.86 -0.72
N ARG B 182 6.29 -33.67 -1.27
CA ARG B 182 5.47 -33.54 -2.46
C ARG B 182 6.31 -34.02 -3.67
N GLU B 183 5.75 -34.91 -4.51
CA GLU B 183 6.40 -35.44 -5.72
C GLU B 183 6.87 -34.28 -6.61
N GLY B 184 8.15 -34.32 -6.99
CA GLY B 184 8.78 -33.31 -7.84
C GLY B 184 9.19 -32.00 -7.18
N GLU B 185 8.74 -31.74 -5.93
CA GLU B 185 9.08 -30.48 -5.25
C GLU B 185 10.58 -30.32 -4.97
N CYS B 186 11.27 -31.41 -4.57
CA CYS B 186 12.72 -31.41 -4.34
C CYS B 186 13.45 -30.95 -5.62
N GLN B 187 13.05 -31.52 -6.78
CA GLN B 187 13.59 -31.20 -8.10
C GLN B 187 13.37 -29.73 -8.47
N ARG B 188 12.14 -29.22 -8.20
CA ARG B 188 11.74 -27.84 -8.47
C ARG B 188 12.53 -26.84 -7.60
N TYR B 189 12.79 -27.19 -6.36
CA TYR B 189 13.52 -26.37 -5.41
C TYR B 189 15.05 -26.31 -5.65
N LYS B 190 15.63 -27.26 -6.44
CA LYS B 190 17.07 -27.37 -6.75
C LYS B 190 17.77 -26.03 -7.05
N PRO B 191 17.26 -25.09 -7.91
CA PRO B 191 17.98 -23.83 -8.10
C PRO B 191 18.14 -22.94 -6.85
N PHE B 192 17.28 -23.17 -5.83
CA PHE B 192 17.29 -22.41 -4.58
C PHE B 192 17.84 -23.15 -3.35
N LYS B 193 18.19 -24.45 -3.50
CA LYS B 193 18.64 -25.32 -2.41
C LYS B 193 19.91 -24.87 -1.67
N GLN B 194 20.77 -24.07 -2.31
CA GLN B 194 22.00 -23.57 -1.69
C GLN B 194 21.96 -22.05 -1.51
N LEU B 195 20.79 -21.42 -1.75
CA LEU B 195 20.62 -19.96 -1.59
C LEU B 195 20.84 -19.58 -0.14
N HIS B 196 21.42 -18.39 0.11
CA HIS B 196 21.64 -17.96 1.48
C HIS B 196 20.28 -17.59 2.09
N ASN B 197 20.21 -17.55 3.43
CA ASN B 197 19.01 -17.17 4.17
C ASN B 197 17.82 -18.11 3.90
N ARG B 198 18.05 -19.43 3.99
CA ARG B 198 16.97 -20.41 3.89
C ARG B 198 16.45 -20.57 5.31
N ARG B 199 15.13 -20.37 5.49
CA ARG B 199 14.53 -20.42 6.81
C ARG B 199 13.37 -21.38 6.88
N LEU B 200 13.17 -22.00 8.07
CA LEU B 200 12.04 -22.88 8.31
C LEU B 200 10.93 -22.03 8.89
N LEU B 201 9.87 -21.84 8.10
CA LEU B 201 8.79 -20.93 8.45
C LEU B 201 7.42 -21.59 8.44
N TRP B 202 6.48 -20.97 9.15
CA TRP B 202 5.11 -21.41 9.29
C TRP B 202 4.22 -20.86 8.19
N HIS B 203 3.27 -21.69 7.75
CA HIS B 203 2.19 -21.30 6.84
C HIS B 203 0.93 -21.96 7.32
N GLY B 204 -0.01 -21.12 7.79
CA GLY B 204 -1.30 -21.60 8.24
C GLY B 204 -2.33 -21.44 7.12
N SER B 205 -3.29 -22.36 7.09
CA SER B 205 -4.38 -22.34 6.12
C SER B 205 -5.55 -23.14 6.67
N ARG B 206 -6.77 -22.89 6.15
CA ARG B 206 -7.95 -23.68 6.55
C ARG B 206 -7.76 -25.16 6.16
N THR B 207 -8.25 -26.08 7.01
CA THR B 207 -8.15 -27.53 6.75
C THR B 207 -8.61 -27.90 5.34
N THR B 208 -9.69 -27.24 4.88
CA THR B 208 -10.32 -27.43 3.56
C THR B 208 -9.40 -27.06 2.38
N ASN B 209 -8.24 -26.41 2.61
CA ASN B 209 -7.25 -26.04 1.58
C ASN B 209 -6.13 -27.06 1.41
N PHE B 210 -5.97 -27.97 2.37
CA PHE B 210 -4.83 -28.87 2.35
C PHE B 210 -4.79 -29.91 1.25
N ALA B 211 -5.93 -30.40 0.72
CA ALA B 211 -5.85 -31.33 -0.42
C ALA B 211 -5.24 -30.58 -1.63
N GLY B 212 -5.61 -29.29 -1.80
CA GLY B 212 -5.06 -28.44 -2.85
C GLY B 212 -3.57 -28.18 -2.65
N ILE B 213 -3.17 -27.81 -1.41
CA ILE B 213 -1.77 -27.50 -1.05
C ILE B 213 -0.86 -28.71 -1.22
N LEU B 214 -1.32 -29.89 -0.77
CA LEU B 214 -0.48 -31.07 -0.91
C LEU B 214 -0.40 -31.56 -2.36
N SER B 215 -1.50 -31.50 -3.12
CA SER B 215 -1.43 -31.93 -4.52
C SER B 215 -0.70 -30.92 -5.43
N GLN B 216 -0.95 -29.63 -5.25
CA GLN B 216 -0.42 -28.58 -6.13
C GLN B 216 0.72 -27.74 -5.55
N GLY B 217 0.95 -27.84 -4.25
CA GLY B 217 1.94 -27.05 -3.53
C GLY B 217 1.35 -25.69 -3.18
N LEU B 218 2.10 -24.88 -2.44
CA LEU B 218 1.66 -23.52 -2.14
C LEU B 218 1.74 -22.72 -3.44
N ARG B 219 0.66 -21.99 -3.77
CA ARG B 219 0.56 -21.22 -5.00
C ARG B 219 0.28 -19.75 -4.71
N ILE B 220 0.52 -18.92 -5.72
CA ILE B 220 0.26 -17.50 -5.67
C ILE B 220 -1.18 -17.32 -6.20
N ALA B 221 -1.88 -16.26 -5.74
CA ALA B 221 -3.21 -15.93 -6.23
C ALA B 221 -3.13 -15.79 -7.79
N PRO B 222 -4.16 -16.19 -8.57
CA PRO B 222 -4.03 -16.14 -10.04
C PRO B 222 -3.84 -14.75 -10.66
N PRO B 223 -3.49 -14.65 -11.98
CA PRO B 223 -3.33 -13.32 -12.59
C PRO B 223 -4.54 -12.40 -12.43
N GLU B 224 -5.78 -12.98 -12.44
CA GLU B 224 -7.06 -12.25 -12.33
C GLU B 224 -7.24 -11.58 -10.94
N ALA B 225 -6.60 -12.15 -9.89
CA ALA B 225 -6.72 -11.65 -8.51
C ALA B 225 -6.20 -10.21 -8.36
N PRO B 226 -6.86 -9.34 -7.56
CA PRO B 226 -6.34 -7.97 -7.37
C PRO B 226 -5.05 -7.95 -6.55
N VAL B 227 -4.00 -7.28 -7.06
CA VAL B 227 -2.74 -7.17 -6.30
C VAL B 227 -2.95 -6.41 -4.96
N THR B 228 -3.90 -5.43 -4.95
CA THR B 228 -4.18 -4.67 -3.73
C THR B 228 -5.01 -5.44 -2.68
N GLY B 229 -5.46 -6.65 -3.02
CA GLY B 229 -6.20 -7.49 -2.09
C GLY B 229 -5.31 -8.15 -1.05
N TYR B 230 -3.97 -7.95 -1.17
CA TYR B 230 -2.96 -8.58 -0.30
C TYR B 230 -1.93 -7.54 0.11
N MET B 231 -1.56 -7.50 1.41
CA MET B 231 -0.65 -6.49 1.96
C MET B 231 0.65 -6.29 1.19
N PHE B 232 1.29 -7.39 0.79
CA PHE B 232 2.53 -7.34 0.04
C PHE B 232 2.38 -7.95 -1.35
N GLY B 233 1.16 -7.86 -1.88
CA GLY B 233 0.90 -8.35 -3.21
C GLY B 233 0.78 -9.86 -3.33
N LYS B 234 0.90 -10.34 -4.56
CA LYS B 234 0.62 -11.74 -4.88
C LYS B 234 1.87 -12.61 -4.76
N GLY B 235 2.08 -13.06 -3.56
CA GLY B 235 3.16 -13.96 -3.20
C GLY B 235 2.64 -15.02 -2.24
N ILE B 236 3.55 -15.79 -1.69
CA ILE B 236 3.26 -16.84 -0.71
C ILE B 236 3.81 -16.31 0.63
N TYR B 237 2.94 -16.27 1.64
CA TYR B 237 3.14 -15.68 2.95
C TYR B 237 3.49 -16.68 4.04
N PHE B 238 4.49 -16.37 4.83
CA PHE B 238 4.97 -17.18 5.95
C PHE B 238 5.17 -16.31 7.18
N ALA B 239 5.16 -16.92 8.37
CA ALA B 239 5.44 -16.22 9.61
C ALA B 239 6.53 -17.01 10.36
N ASP B 240 7.26 -16.34 11.26
CA ASP B 240 8.26 -16.99 12.15
C ASP B 240 7.62 -17.21 13.53
N MET B 241 6.38 -16.71 13.75
CA MET B 241 5.61 -16.89 14.99
C MET B 241 4.51 -17.91 14.70
N VAL B 242 4.54 -19.05 15.41
CA VAL B 242 3.52 -20.09 15.19
C VAL B 242 2.08 -19.53 15.30
N SER B 243 1.81 -18.68 16.31
CA SER B 243 0.46 -18.15 16.54
C SER B 243 -0.02 -17.22 15.43
N LYS B 244 0.91 -16.46 14.80
CA LYS B 244 0.55 -15.59 13.67
C LYS B 244 0.02 -16.45 12.50
N SER B 245 0.72 -17.56 12.16
CA SER B 245 0.24 -18.45 11.08
C SER B 245 -0.97 -19.26 11.54
N ALA B 246 -1.00 -19.66 12.83
CA ALA B 246 -2.13 -20.42 13.39
C ALA B 246 -3.43 -19.64 13.27
N ASN B 247 -3.39 -18.29 13.35
CA ASN B 247 -4.59 -17.48 13.19
C ASN B 247 -5.19 -17.62 11.77
N TYR B 248 -4.34 -17.92 10.75
CA TYR B 248 -4.78 -18.14 9.38
C TYR B 248 -5.36 -19.56 9.14
N CYS B 249 -5.41 -20.42 10.19
CA CYS B 249 -6.10 -21.71 10.06
C CYS B 249 -7.61 -21.46 10.13
N HIS B 250 -8.02 -20.35 10.78
CA HIS B 250 -9.40 -19.96 11.02
C HIS B 250 -10.18 -21.05 11.78
N THR B 251 -9.57 -21.59 12.83
CA THR B 251 -10.23 -22.58 13.68
C THR B 251 -11.17 -21.81 14.63
N SER B 252 -12.07 -22.53 15.29
CA SER B 252 -13.05 -21.94 16.19
C SER B 252 -13.44 -22.98 17.23
N GLN B 253 -14.32 -22.60 18.16
CA GLN B 253 -14.82 -23.50 19.20
C GLN B 253 -15.56 -24.70 18.57
N GLY B 254 -16.24 -24.48 17.45
CA GLY B 254 -16.97 -25.51 16.71
C GLY B 254 -16.12 -26.37 15.81
N ASP B 255 -14.86 -25.93 15.53
CA ASP B 255 -13.90 -26.63 14.67
C ASP B 255 -12.46 -26.32 15.20
N PRO B 256 -12.05 -26.92 16.36
CA PRO B 256 -10.78 -26.52 16.98
C PRO B 256 -9.49 -27.26 16.51
N ILE B 257 -9.61 -28.11 15.48
CA ILE B 257 -8.47 -28.84 14.96
C ILE B 257 -8.04 -28.18 13.67
N GLY B 258 -6.79 -27.76 13.62
CA GLY B 258 -6.22 -27.13 12.45
C GLY B 258 -4.95 -27.80 11.97
N LEU B 259 -4.51 -27.41 10.78
CA LEU B 259 -3.31 -27.92 10.15
C LEU B 259 -2.44 -26.73 9.81
N ILE B 260 -1.15 -26.88 10.06
CA ILE B 260 -0.16 -25.83 9.81
C ILE B 260 1.04 -26.49 9.13
N LEU B 261 1.68 -25.76 8.22
CA LEU B 261 2.88 -26.23 7.54
C LEU B 261 4.13 -25.59 8.08
N LEU B 262 5.23 -26.33 7.95
CA LEU B 262 6.57 -25.83 8.13
C LEU B 262 7.24 -26.01 6.79
N GLY B 263 7.58 -24.89 6.16
CA GLY B 263 8.25 -24.94 4.87
C GLY B 263 9.65 -24.36 4.91
N GLU B 264 10.58 -24.94 4.14
CA GLU B 264 11.90 -24.36 3.98
C GLU B 264 11.69 -23.30 2.88
N VAL B 265 11.97 -22.04 3.21
CA VAL B 265 11.76 -20.92 2.27
C VAL B 265 13.12 -20.30 1.95
N ALA B 266 13.48 -20.25 0.66
CA ALA B 266 14.74 -19.66 0.22
C ALA B 266 14.48 -18.14 0.09
N LEU B 267 14.79 -17.42 1.17
CA LEU B 267 14.57 -15.97 1.29
C LEU B 267 15.59 -15.13 0.54
N GLY B 268 16.86 -15.57 0.55
CA GLY B 268 17.93 -14.83 -0.11
C GLY B 268 18.03 -13.41 0.36
N ASN B 269 18.15 -12.49 -0.60
CA ASN B 269 18.25 -11.06 -0.33
C ASN B 269 16.84 -10.52 -0.08
N MET B 270 16.55 -10.18 1.19
CA MET B 270 15.23 -9.72 1.62
C MET B 270 15.03 -8.23 1.38
N TYR B 271 13.87 -7.89 0.83
CA TYR B 271 13.45 -6.52 0.60
C TYR B 271 12.60 -6.19 1.84
N GLU B 272 13.16 -5.40 2.76
CA GLU B 272 12.55 -5.09 4.07
C GLU B 272 11.56 -3.95 4.02
N LEU B 273 10.30 -4.26 4.36
CA LEU B 273 9.20 -3.30 4.34
C LEU B 273 8.49 -3.16 5.68
N LYS B 274 8.02 -1.94 5.98
CA LYS B 274 7.33 -1.63 7.22
C LYS B 274 5.81 -1.42 7.04
N HIS B 275 5.36 -1.21 5.80
CA HIS B 275 3.96 -0.93 5.47
C HIS B 275 3.60 -1.56 4.14
N ALA B 276 2.30 -1.61 3.82
CA ALA B 276 1.82 -2.25 2.60
C ALA B 276 2.51 -1.78 1.35
N SER B 277 2.80 -2.73 0.47
CA SER B 277 3.42 -2.46 -0.82
C SER B 277 2.84 -3.51 -1.77
N HIS B 278 1.87 -3.09 -2.61
CA HIS B 278 1.13 -4.01 -3.48
C HIS B 278 1.92 -4.31 -4.74
N ILE B 279 2.90 -5.21 -4.61
CA ILE B 279 3.80 -5.54 -5.71
C ILE B 279 3.49 -6.91 -6.31
N SER B 280 3.84 -7.08 -7.59
CA SER B 280 3.70 -8.33 -8.35
C SER B 280 5.08 -8.93 -8.54
N LYS B 281 6.09 -8.05 -8.72
CA LYS B 281 7.50 -8.39 -8.96
C LYS B 281 8.41 -7.68 -7.93
N LEU B 282 9.56 -8.27 -7.64
CA LEU B 282 10.54 -7.71 -6.71
C LEU B 282 11.56 -6.81 -7.41
N PRO B 283 12.19 -5.83 -6.68
CA PRO B 283 13.31 -5.08 -7.28
C PRO B 283 14.45 -6.05 -7.61
N LYS B 284 15.22 -5.80 -8.71
CA LYS B 284 16.32 -6.69 -9.12
C LYS B 284 17.34 -6.93 -8.01
N GLY B 285 17.73 -8.18 -7.84
CA GLY B 285 18.65 -8.58 -6.79
C GLY B 285 17.97 -8.99 -5.50
N LYS B 286 16.63 -8.80 -5.40
CA LYS B 286 15.88 -9.21 -4.20
C LYS B 286 15.14 -10.52 -4.48
N HIS B 287 15.10 -11.44 -3.49
CA HIS B 287 14.47 -12.77 -3.64
C HIS B 287 13.20 -12.93 -2.82
N SER B 288 12.96 -12.02 -1.88
CA SER B 288 11.79 -12.06 -1.00
C SER B 288 11.51 -10.70 -0.38
N VAL B 289 10.36 -10.60 0.28
CA VAL B 289 9.99 -9.45 1.09
C VAL B 289 9.94 -9.94 2.55
N LYS B 290 10.50 -9.12 3.46
CA LYS B 290 10.35 -9.32 4.90
C LYS B 290 9.58 -8.13 5.44
N GLY B 291 8.37 -8.40 5.90
CA GLY B 291 7.54 -7.41 6.57
C GLY B 291 8.06 -7.34 7.98
N LEU B 292 8.67 -6.20 8.37
CA LEU B 292 9.31 -6.04 9.68
C LEU B 292 8.31 -5.88 10.82
N GLY B 293 8.31 -6.83 11.75
CA GLY B 293 7.45 -6.75 12.92
C GLY B 293 8.12 -6.00 14.06
N LYS B 294 7.32 -5.49 15.04
CA LYS B 294 7.83 -4.83 16.26
C LYS B 294 8.55 -5.89 17.11
N THR B 295 8.04 -7.16 17.06
CA THR B 295 8.56 -8.33 17.77
C THR B 295 9.14 -9.33 16.78
N THR B 296 10.28 -9.91 17.16
CA THR B 296 11.03 -10.91 16.40
C THR B 296 11.54 -12.02 17.34
N PRO B 297 11.62 -13.31 16.88
CA PRO B 297 12.21 -14.35 17.74
C PRO B 297 13.68 -13.98 18.04
N ASP B 298 14.12 -14.14 19.30
CA ASP B 298 15.49 -13.81 19.72
C ASP B 298 16.55 -14.46 18.78
N PRO B 299 17.35 -13.65 18.03
CA PRO B 299 18.32 -14.21 17.06
C PRO B 299 19.43 -15.10 17.63
N SER B 300 19.78 -14.91 18.92
CA SER B 300 20.82 -15.69 19.59
C SER B 300 20.37 -17.14 19.81
N ALA B 301 19.03 -17.38 19.82
CA ALA B 301 18.44 -18.70 20.01
C ALA B 301 18.21 -19.47 18.70
N ASN B 302 18.61 -18.89 17.53
CA ASN B 302 18.47 -19.54 16.22
C ASN B 302 19.28 -20.84 16.15
N ILE B 303 18.67 -21.93 15.62
CA ILE B 303 19.32 -23.24 15.45
C ILE B 303 19.25 -23.72 13.99
N SER B 304 19.83 -24.90 13.71
CA SER B 304 19.84 -25.54 12.39
C SER B 304 19.14 -26.92 12.40
N LEU B 305 18.24 -27.16 11.42
CA LEU B 305 17.56 -28.43 11.20
C LEU B 305 17.74 -28.79 9.71
N ASP B 306 18.69 -29.73 9.45
CA ASP B 306 19.13 -30.19 8.12
C ASP B 306 19.66 -29.02 7.26
N GLY B 307 20.53 -28.21 7.89
CA GLY B 307 21.17 -27.05 7.27
C GLY B 307 20.28 -25.84 7.02
N VAL B 308 19.08 -25.79 7.66
CA VAL B 308 18.13 -24.68 7.50
C VAL B 308 17.93 -23.96 8.84
N ASP B 309 17.93 -22.61 8.83
CA ASP B 309 17.72 -21.79 10.03
C ASP B 309 16.30 -21.95 10.60
N VAL B 310 16.23 -22.22 11.92
CA VAL B 310 14.94 -22.35 12.63
C VAL B 310 14.88 -21.21 13.68
N PRO B 311 14.09 -20.15 13.39
CA PRO B 311 14.03 -19.01 14.33
C PRO B 311 13.07 -19.31 15.50
N LEU B 312 13.46 -20.26 16.37
CA LEU B 312 12.59 -20.70 17.46
C LEU B 312 12.82 -19.95 18.79
N GLY B 313 13.44 -18.78 18.74
CA GLY B 313 13.66 -17.97 19.95
C GLY B 313 12.37 -17.34 20.44
N THR B 314 12.30 -17.03 21.76
CA THR B 314 11.12 -16.35 22.29
C THR B 314 11.13 -14.90 21.77
N GLY B 315 9.93 -14.33 21.60
CA GLY B 315 9.74 -12.98 21.09
C GLY B 315 10.40 -11.88 21.90
N ILE B 316 11.15 -11.01 21.21
CA ILE B 316 11.86 -9.85 21.77
C ILE B 316 11.63 -8.62 20.87
N SER B 317 11.92 -7.40 21.36
CA SER B 317 11.77 -6.20 20.51
C SER B 317 12.76 -6.27 19.36
N SER B 318 12.29 -5.95 18.14
CA SER B 318 13.12 -5.96 16.95
C SER B 318 13.96 -4.69 16.84
N GLY B 319 13.52 -3.64 17.54
CA GLY B 319 14.14 -2.33 17.50
C GLY B 319 13.66 -1.53 16.30
N VAL B 320 12.64 -2.07 15.59
CA VAL B 320 12.03 -1.43 14.40
C VAL B 320 10.91 -0.48 14.86
N ASN B 321 11.08 0.82 14.52
CA ASN B 321 10.12 1.88 14.84
C ASN B 321 9.22 2.21 13.67
N ASP B 322 7.95 2.57 13.97
CA ASP B 322 6.90 2.98 13.04
C ASP B 322 6.63 1.91 11.98
N THR B 323 6.18 0.74 12.41
CA THR B 323 5.87 -0.36 11.50
C THR B 323 4.40 -0.73 11.65
N SER B 324 3.76 -1.15 10.55
CA SER B 324 2.36 -1.56 10.57
C SER B 324 2.18 -3.00 11.11
N LEU B 325 3.29 -3.70 11.38
CA LEU B 325 3.25 -5.10 11.79
C LEU B 325 3.69 -5.36 13.20
N LEU B 326 2.92 -6.20 13.92
CA LEU B 326 3.30 -6.59 15.27
C LEU B 326 4.40 -7.65 15.22
N TYR B 327 4.31 -8.53 14.21
CA TYR B 327 5.24 -9.65 14.02
C TYR B 327 5.71 -9.70 12.57
N ASN B 328 6.87 -10.35 12.35
CA ASN B 328 7.41 -10.48 10.99
C ASN B 328 6.51 -11.33 10.09
N GLU B 329 6.67 -11.15 8.78
CA GLU B 329 6.11 -11.99 7.76
C GLU B 329 7.07 -11.99 6.60
N TYR B 330 7.10 -13.11 5.90
CA TYR B 330 8.01 -13.32 4.78
C TYR B 330 7.19 -13.70 3.57
N ILE B 331 7.53 -13.12 2.42
CA ILE B 331 6.81 -13.34 1.19
C ILE B 331 7.75 -13.66 0.05
N VAL B 332 7.47 -14.76 -0.68
CA VAL B 332 8.22 -15.13 -1.89
C VAL B 332 7.26 -15.01 -3.08
N TYR B 333 7.78 -14.65 -4.26
CA TYR B 333 6.97 -14.39 -5.47
C TYR B 333 7.21 -15.39 -6.59
N ASP B 334 7.88 -16.50 -6.25
CA ASP B 334 8.16 -17.61 -7.15
C ASP B 334 7.90 -18.88 -6.32
N ILE B 335 6.93 -19.69 -6.77
CA ILE B 335 6.51 -20.94 -6.11
C ILE B 335 7.67 -21.95 -5.91
N ALA B 336 8.73 -21.88 -6.75
CA ALA B 336 9.88 -22.79 -6.66
C ALA B 336 10.77 -22.50 -5.43
N GLN B 337 10.58 -21.33 -4.76
CA GLN B 337 11.35 -20.94 -3.59
C GLN B 337 10.87 -21.59 -2.27
N VAL B 338 9.89 -22.51 -2.37
CA VAL B 338 9.31 -23.19 -1.20
C VAL B 338 9.46 -24.70 -1.32
N ASN B 339 9.95 -25.31 -0.25
CA ASN B 339 10.06 -26.76 -0.14
C ASN B 339 9.35 -27.15 1.16
N LEU B 340 8.11 -27.64 1.07
CA LEU B 340 7.32 -28.06 2.25
C LEU B 340 8.01 -29.25 2.93
N LYS B 341 8.13 -29.16 4.25
CA LYS B 341 8.89 -30.16 5.02
C LYS B 341 8.03 -30.91 6.01
N TYR B 342 7.21 -30.18 6.78
CA TYR B 342 6.37 -30.79 7.80
C TYR B 342 4.95 -30.26 7.76
N LEU B 343 4.04 -31.07 8.29
CA LEU B 343 2.65 -30.73 8.44
C LEU B 343 2.27 -31.09 9.88
N LEU B 344 1.75 -30.12 10.62
CA LEU B 344 1.36 -30.35 12.02
C LEU B 344 -0.14 -30.29 12.15
N LYS B 345 -0.71 -31.24 12.91
CA LYS B 345 -2.12 -31.23 13.24
C LYS B 345 -2.15 -30.67 14.66
N LEU B 346 -2.81 -29.52 14.84
CA LEU B 346 -2.86 -28.81 16.11
C LEU B 346 -4.25 -28.81 16.71
N LYS B 347 -4.30 -28.88 18.03
CA LYS B 347 -5.54 -28.72 18.76
C LYS B 347 -5.49 -27.32 19.37
N PHE B 348 -6.48 -26.49 19.02
CA PHE B 348 -6.63 -25.14 19.56
C PHE B 348 -7.51 -25.21 20.80
N ASN B 349 -6.92 -24.95 21.96
CA ASN B 349 -7.66 -24.96 23.22
C ASN B 349 -8.01 -23.51 23.60
N PHE B 350 -9.23 -23.10 23.24
CA PHE B 350 -9.74 -21.74 23.44
C PHE B 350 -10.06 -21.42 24.90
N LYS B 351 -9.77 -20.18 25.30
CA LYS B 351 -9.99 -19.70 26.67
C LYS B 351 -11.24 -18.83 26.75
N THR B 352 -11.97 -18.95 27.88
CA THR B 352 -13.19 -18.20 28.15
C THR B 352 -13.16 -17.58 29.56
C4 78P C . 0.85 15.14 -6.70
C5 78P C . 1.28 15.97 -7.75
C6 78P C . 1.62 15.36 -8.97
C8 78P C . 0.13 14.18 -4.84
C10 78P C . 1.40 17.45 -7.59
C13 78P C . -0.36 13.93 -3.40
C15 78P C . 1.04 15.27 -2.10
C17 78P C . 0.57 12.95 -2.65
C1 78P C . 1.52 13.99 -9.14
C2 78P C . 1.09 13.17 -8.11
C3 78P C . 0.75 13.75 -6.89
N7 78P C . 0.30 13.19 -5.70
N9 78P C . 0.45 15.39 -5.40
N11 78P C . 1.11 17.98 -6.41
O12 78P C . 1.73 18.15 -8.55
N14 78P C . -0.34 15.15 -2.60
C16 78P C . 1.53 13.85 -1.88
C18 78P C . -1.75 13.27 -3.42
S SO4 D . -4.00 9.52 -11.79
O1 SO4 D . -4.97 10.54 -12.23
O2 SO4 D . -2.89 9.53 -12.66
O3 SO4 D . -4.67 8.17 -11.78
O4 SO4 D . -3.60 9.89 -10.40
C4 78P E . -0.26 -15.14 6.17
C5 78P E . 0.44 -16.14 6.87
C6 78P E . 1.57 -15.75 7.61
C8 78P E . -1.60 -13.89 4.97
C10 78P E . 0.00 -17.57 6.83
C13 78P E . -2.77 -13.42 4.05
C15 78P E . -3.40 -14.74 2.14
C17 78P E . -2.15 -12.82 2.76
C1 78P E . 1.98 -14.43 7.65
C2 78P E . 1.29 -13.44 6.96
C3 78P E . 0.16 -13.80 6.22
N7 78P E . -0.71 -13.04 5.45
N9 78P E . -1.39 -15.17 5.37
N11 78P E . -0.98 -17.90 6.01
O12 78P E . 0.56 -18.42 7.56
N14 78P E . -3.53 -14.59 3.60
C16 78P E . -2.16 -13.97 1.77
C18 78P E . -3.62 -12.36 4.75
S SO4 F . 0.51 -8.63 12.41
O1 SO4 F . 0.10 -9.02 11.06
O2 SO4 F . 0.31 -7.17 12.56
O3 SO4 F . -0.35 -9.28 13.39
O4 SO4 F . 1.91 -8.98 12.62
#